data_4U6M
# 
_entry.id   4U6M 
# 
_audit_conform.dict_name       mmcif_pdbx.dic 
_audit_conform.dict_version    5.380 
_audit_conform.dict_location   http://mmcif.pdb.org/dictionaries/ascii/mmcif_pdbx.dic 
# 
loop_
_database_2.database_id 
_database_2.database_code 
_database_2.pdbx_database_accession 
_database_2.pdbx_DOI 
PDB   4U6M         pdb_00004u6m 10.2210/pdb4u6m/pdb 
WWPDB D_1000202903 ?            ?                   
# 
loop_
_pdbx_database_related.db_name 
_pdbx_database_related.details 
_pdbx_database_related.db_id 
_pdbx_database_related.content_type 
PDB . 4U6K unspecified 
PDB . 4U6L unspecified 
# 
_pdbx_database_status.status_code                     REL 
_pdbx_database_status.status_code_sf                  REL 
_pdbx_database_status.status_code_mr                  ? 
_pdbx_database_status.entry_id                        4U6M 
_pdbx_database_status.recvd_initial_deposition_date   2014-07-29 
_pdbx_database_status.SG_entry                        N 
_pdbx_database_status.deposit_site                    RCSB 
_pdbx_database_status.process_site                    PDBJ 
_pdbx_database_status.status_code_cs                  ? 
_pdbx_database_status.methods_development_category    ? 
_pdbx_database_status.pdb_format_compatible           Y 
_pdbx_database_status.status_code_nmr_data            ? 
# 
loop_
_audit_author.name 
_audit_author.pdbx_ordinal 
'Kondo, J.'    1 
'Nomura, Y.'   2 
'Kitahara, Y.' 3 
'Obika, S.'    4 
'Torigoe, H.'  5 
# 
_citation.abstract                  ? 
_citation.abstract_id_CAS           ? 
_citation.book_id_ISBN              ? 
_citation.book_publisher            ? 
_citation.book_publisher_city       ? 
_citation.book_title                ? 
_citation.coordinate_linkage        ? 
_citation.country                   UK 
_citation.database_id_Medline       ? 
_citation.details                   ? 
_citation.id                        primary 
_citation.journal_abbrev            'Chem.Commun.(Camb.)' 
_citation.journal_id_ASTM           ? 
_citation.journal_id_CSD            ? 
_citation.journal_id_ISSN           1364-548X 
_citation.journal_full              ? 
_citation.journal_issue             ? 
_citation.journal_volume            52 
_citation.language                  ? 
_citation.page_first                2354 
_citation.page_last                 2357 
_citation.title                     
;The crystal structure of a 2',4'-BNA(NC)[N-Me]-modified antisense gapmer in complex with the target RNA.
;
_citation.year                      2016 
_citation.database_id_CSD           ? 
_citation.pdbx_database_id_DOI      10.1039/c5cc08300a 
_citation.pdbx_database_id_PubMed   26731288 
_citation.unpublished_flag          ? 
# 
loop_
_citation_author.citation_id 
_citation_author.name 
_citation_author.ordinal 
_citation_author.identifier_ORCID 
primary 'Kondo, J.'    1 ? 
primary 'Nomura, Y.'   2 ? 
primary 'Kitahara, Y.' 3 ? 
primary 'Obika, S.'    4 ? 
primary 'Torigoe, H.'  5 ? 
# 
_cell.length_a           49.090 
_cell.length_b           49.090 
_cell.length_c           45.990 
_cell.angle_alpha        90.000 
_cell.angle_beta         90.000 
_cell.angle_gamma        120.000 
_cell.entry_id           4U6M 
_cell.Z_PDB              6 
_cell.pdbx_unique_axis   ? 
# 
_symmetry.entry_id                         4U6M 
_symmetry.cell_setting                     ? 
_symmetry.Int_Tables_number                169 
_symmetry.space_group_name_Hall            ? 
_symmetry.space_group_name_H-M             'P 61' 
_symmetry.pdbx_full_space_group_name_H-M   ? 
# 
loop_
_entity.id 
_entity.type 
_entity.src_method 
_entity.pdbx_description 
_entity.formula_weight 
_entity.pdbx_number_of_molecules 
_entity.pdbx_ec 
_entity.pdbx_mutation 
_entity.pdbx_fragment 
_entity.details 
1 polymer syn 
;RNA (5'-R(*GP*AP*AP*GP*AP*AP*GP*AP*G)-3')
;
2981.895 1  ? ? ? ? 
2 polymer syn 
;DNA (5'-D(*(5CM)P*TP*CP*TP*TP*CP*TP*TP*(5CM))-3')
;
2660.788 1  ? ? ? ? 
3 water   nat water                                               18.015   97 ? ? ? ? 
# 
loop_
_entity_poly.entity_id 
_entity_poly.type 
_entity_poly.nstd_linkage 
_entity_poly.nstd_monomer 
_entity_poly.pdbx_seq_one_letter_code 
_entity_poly.pdbx_seq_one_letter_code_can 
_entity_poly.pdbx_strand_id 
_entity_poly.pdbx_target_identifier 
1 polyribonucleotide      no no  GAAGAAGAG                                GAAGAAGAG A ? 
2 polydeoxyribonucleotide no yes '(5CM)(DT)(DC)(DT)(DT)(DC)(DT)(DT)(5CM)' CTCTTCTTC B ? 
# 
loop_
_entity_poly_seq.entity_id 
_entity_poly_seq.num 
_entity_poly_seq.mon_id 
_entity_poly_seq.hetero 
1 1 G   n 
1 2 A   n 
1 3 A   n 
1 4 G   n 
1 5 A   n 
1 6 A   n 
1 7 G   n 
1 8 A   n 
1 9 G   n 
2 1 5CM n 
2 2 DT  n 
2 3 DC  n 
2 4 DT  n 
2 5 DT  n 
2 6 DC  n 
2 7 DT  n 
2 8 DT  n 
2 9 5CM n 
# 
loop_
_pdbx_entity_src_syn.entity_id 
_pdbx_entity_src_syn.pdbx_src_id 
_pdbx_entity_src_syn.pdbx_alt_source_flag 
_pdbx_entity_src_syn.pdbx_beg_seq_num 
_pdbx_entity_src_syn.pdbx_end_seq_num 
_pdbx_entity_src_syn.organism_scientific 
_pdbx_entity_src_syn.organism_common_name 
_pdbx_entity_src_syn.ncbi_taxonomy_id 
_pdbx_entity_src_syn.details 
1 1 sample 1 9 'synthetic construct' ? 32630 ? 
2 1 sample 1 9 'synthetic construct' ? 32630 ? 
# 
loop_
_struct_ref.id 
_struct_ref.db_name 
_struct_ref.db_code 
_struct_ref.pdbx_db_accession 
_struct_ref.pdbx_db_isoform 
_struct_ref.entity_id 
_struct_ref.pdbx_seq_one_letter_code 
_struct_ref.pdbx_align_begin 
1 PDB 4U6M 4U6M ? 1 ? 1 
2 PDB 4U6M 4U6M ? 2 ? 1 
# 
loop_
_struct_ref_seq.align_id 
_struct_ref_seq.ref_id 
_struct_ref_seq.pdbx_PDB_id_code 
_struct_ref_seq.pdbx_strand_id 
_struct_ref_seq.seq_align_beg 
_struct_ref_seq.pdbx_seq_align_beg_ins_code 
_struct_ref_seq.seq_align_end 
_struct_ref_seq.pdbx_seq_align_end_ins_code 
_struct_ref_seq.pdbx_db_accession 
_struct_ref_seq.db_align_beg 
_struct_ref_seq.pdbx_db_align_beg_ins_code 
_struct_ref_seq.db_align_end 
_struct_ref_seq.pdbx_db_align_end_ins_code 
_struct_ref_seq.pdbx_auth_seq_align_beg 
_struct_ref_seq.pdbx_auth_seq_align_end 
1 1 4U6M A 1 ? 9 ? 4U6M 1 ? 9 ? 1 9 
2 2 4U6M B 1 ? 9 ? 4U6M 1 ? 9 ? 1 9 
# 
loop_
_chem_comp.id 
_chem_comp.type 
_chem_comp.mon_nstd_flag 
_chem_comp.name 
_chem_comp.pdbx_synonyms 
_chem_comp.formula 
_chem_comp.formula_weight 
5CM 'DNA linking' n "5-METHYL-2'-DEOXY-CYTIDINE-5'-MONOPHOSPHATE" ? 'C10 H16 N3 O7 P' 321.224 
A   'RNA linking' y "ADENOSINE-5'-MONOPHOSPHATE"                  ? 'C10 H14 N5 O7 P' 347.221 
DC  'DNA linking' y "2'-DEOXYCYTIDINE-5'-MONOPHOSPHATE"           ? 'C9 H14 N3 O7 P'  307.197 
DT  'DNA linking' y "THYMIDINE-5'-MONOPHOSPHATE"                  ? 'C10 H15 N2 O8 P' 322.208 
G   'RNA linking' y "GUANOSINE-5'-MONOPHOSPHATE"                  ? 'C10 H14 N5 O8 P' 363.221 
HOH non-polymer   . WATER                                         ? 'H2 O'            18.015  
# 
_exptl.absorpt_coefficient_mu     ? 
_exptl.absorpt_correction_T_max   ? 
_exptl.absorpt_correction_T_min   ? 
_exptl.absorpt_correction_type    ? 
_exptl.absorpt_process_details    ? 
_exptl.entry_id                   4U6M 
_exptl.crystals_number            1 
_exptl.details                    ? 
_exptl.method                     'X-RAY DIFFRACTION' 
_exptl.method_details             ? 
# 
_exptl_crystal.colour                      ? 
_exptl_crystal.density_diffrn              ? 
_exptl_crystal.density_Matthews            3.05 
_exptl_crystal.density_method              ? 
_exptl_crystal.density_percent_sol         59.66 
_exptl_crystal.description                 ? 
_exptl_crystal.F_000                       ? 
_exptl_crystal.id                          1 
_exptl_crystal.preparation                 ? 
_exptl_crystal.size_max                    ? 
_exptl_crystal.size_mid                    ? 
_exptl_crystal.size_min                    ? 
_exptl_crystal.size_rad                    ? 
_exptl_crystal.colour_lustre               ? 
_exptl_crystal.colour_modifier             ? 
_exptl_crystal.colour_primary              ? 
_exptl_crystal.density_meas                ? 
_exptl_crystal.density_meas_esd            ? 
_exptl_crystal.density_meas_gt             ? 
_exptl_crystal.density_meas_lt             ? 
_exptl_crystal.density_meas_temp           ? 
_exptl_crystal.density_meas_temp_esd       ? 
_exptl_crystal.density_meas_temp_gt        ? 
_exptl_crystal.density_meas_temp_lt        ? 
_exptl_crystal.pdbx_crystal_image_url      ? 
_exptl_crystal.pdbx_crystal_image_format   ? 
_exptl_crystal.pdbx_mosaicity              ? 
_exptl_crystal.pdbx_mosaicity_esd          ? 
# 
_exptl_crystal_grow.apparatus       ? 
_exptl_crystal_grow.atmosphere      ? 
_exptl_crystal_grow.crystal_id      1 
_exptl_crystal_grow.details         ? 
_exptl_crystal_grow.method          'VAPOR DIFFUSION, HANGING DROP' 
_exptl_crystal_grow.method_ref      ? 
_exptl_crystal_grow.pH              7.0 
_exptl_crystal_grow.pressure        ? 
_exptl_crystal_grow.pressure_esd    ? 
_exptl_crystal_grow.seeding         ? 
_exptl_crystal_grow.seeding_ref     ? 
_exptl_crystal_grow.temp            293 
_exptl_crystal_grow.temp_details    ? 
_exptl_crystal_grow.temp_esd        ? 
_exptl_crystal_grow.time            ? 
_exptl_crystal_grow.pdbx_details    'Na Cacodylate, Spermine tetrahydrochloride' 
_exptl_crystal_grow.pdbx_pH_range   ? 
# 
_diffrn.ambient_environment    ? 
_diffrn.ambient_temp           100 
_diffrn.ambient_temp_details   ? 
_diffrn.ambient_temp_esd       ? 
_diffrn.crystal_id             1 
_diffrn.crystal_support        ? 
_diffrn.crystal_treatment      ? 
_diffrn.details                ? 
_diffrn.id                     1 
_diffrn.ambient_pressure       ? 
_diffrn.ambient_pressure_esd   ? 
_diffrn.ambient_pressure_gt    ? 
_diffrn.ambient_pressure_lt    ? 
_diffrn.ambient_temp_gt        ? 
_diffrn.ambient_temp_lt        ? 
# 
_diffrn_detector.details                      ? 
_diffrn_detector.detector                     CCD 
_diffrn_detector.diffrn_id                    1 
_diffrn_detector.type                         'ADSC QUANTUM 315r' 
_diffrn_detector.area_resol_mean              ? 
_diffrn_detector.dtime                        ? 
_diffrn_detector.pdbx_frames_total            ? 
_diffrn_detector.pdbx_collection_time_total   ? 
_diffrn_detector.pdbx_collection_date         2013-10-27 
# 
_diffrn_radiation.collimation                      ? 
_diffrn_radiation.diffrn_id                        1 
_diffrn_radiation.filter_edge                      ? 
_diffrn_radiation.inhomogeneity                    ? 
_diffrn_radiation.monochromator                    ? 
_diffrn_radiation.polarisn_norm                    ? 
_diffrn_radiation.polarisn_ratio                   ? 
_diffrn_radiation.probe                            ? 
_diffrn_radiation.type                             ? 
_diffrn_radiation.xray_symbol                      ? 
_diffrn_radiation.wavelength_id                    1 
_diffrn_radiation.pdbx_monochromatic_or_laue_m_l   M 
_diffrn_radiation.pdbx_wavelength_list             ? 
_diffrn_radiation.pdbx_wavelength                  ? 
_diffrn_radiation.pdbx_diffrn_protocol             'SINGLE WAVELENGTH' 
_diffrn_radiation.pdbx_analyzer                    ? 
_diffrn_radiation.pdbx_scattering_type             x-ray 
# 
_diffrn_radiation_wavelength.id           1 
_diffrn_radiation_wavelength.wavelength   1.0 
_diffrn_radiation_wavelength.wt           1.0 
# 
_diffrn_source.current                     ? 
_diffrn_source.details                     ? 
_diffrn_source.diffrn_id                   1 
_diffrn_source.power                       ? 
_diffrn_source.size                        ? 
_diffrn_source.source                      SYNCHROTRON 
_diffrn_source.target                      ? 
_diffrn_source.type                        'PHOTON FACTORY BEAMLINE BL-5A' 
_diffrn_source.voltage                     ? 
_diffrn_source.take-off_angle              ? 
_diffrn_source.pdbx_wavelength_list        1.0 
_diffrn_source.pdbx_wavelength             ? 
_diffrn_source.pdbx_synchrotron_beamline   BL-5A 
_diffrn_source.pdbx_synchrotron_site       'Photon Factory' 
# 
_reflns.B_iso_Wilson_estimate            ? 
_reflns.entry_id                         4U6M 
_reflns.data_reduction_details           ? 
_reflns.data_reduction_method            ? 
_reflns.d_resolution_high                1.900 
_reflns.d_resolution_low                 42.520 
_reflns.details                          ? 
_reflns.limit_h_max                      ? 
_reflns.limit_h_min                      ? 
_reflns.limit_k_max                      ? 
_reflns.limit_k_min                      ? 
_reflns.limit_l_max                      ? 
_reflns.limit_l_min                      ? 
_reflns.number_all                       ? 
_reflns.number_obs                       5022 
_reflns.observed_criterion               ? 
_reflns.observed_criterion_F_max         ? 
_reflns.observed_criterion_F_min         ? 
_reflns.observed_criterion_I_max         ? 
_reflns.observed_criterion_I_min         ? 
_reflns.observed_criterion_sigma_F       ? 
_reflns.observed_criterion_sigma_I       ? 
_reflns.percent_possible_obs             99.800 
_reflns.R_free_details                   ? 
_reflns.Rmerge_F_all                     ? 
_reflns.Rmerge_F_obs                     ? 
_reflns.Friedel_coverage                 ? 
_reflns.number_gt                        ? 
_reflns.threshold_expression             ? 
_reflns.pdbx_redundancy                  10.170 
_reflns.pdbx_Rmerge_I_obs                0.040 
_reflns.pdbx_Rmerge_I_all                ? 
_reflns.pdbx_Rsym_value                  ? 
_reflns.pdbx_netI_over_av_sigmaI         ? 
_reflns.pdbx_netI_over_sigmaI            23.200 
_reflns.pdbx_res_netI_over_av_sigmaI_2   ? 
_reflns.pdbx_res_netI_over_sigmaI_2      ? 
_reflns.pdbx_chi_squared                 0.940 
_reflns.pdbx_scaling_rejects             386 
_reflns.pdbx_d_res_high_opt              ? 
_reflns.pdbx_d_res_low_opt               ? 
_reflns.pdbx_d_res_opt_method            ? 
_reflns.phase_calculation_details        ? 
_reflns.pdbx_Rrim_I_all                  ? 
_reflns.pdbx_Rpim_I_all                  ? 
_reflns.pdbx_d_opt                       ? 
_reflns.pdbx_number_measured_all         51463 
_reflns.pdbx_diffrn_id                   1 
_reflns.pdbx_ordinal                     1 
_reflns.pdbx_CC_half                     ? 
_reflns.pdbx_R_split                     ? 
# 
loop_
_reflns_shell.d_res_high 
_reflns_shell.d_res_low 
_reflns_shell.meanI_over_sigI_all 
_reflns_shell.meanI_over_sigI_obs 
_reflns_shell.number_measured_all 
_reflns_shell.number_measured_obs 
_reflns_shell.number_possible 
_reflns_shell.number_unique_all 
_reflns_shell.number_unique_obs 
_reflns_shell.percent_possible_all 
_reflns_shell.percent_possible_obs 
_reflns_shell.Rmerge_F_all 
_reflns_shell.Rmerge_F_obs 
_reflns_shell.Rmerge_I_all 
_reflns_shell.Rmerge_I_obs 
_reflns_shell.meanI_over_sigI_gt 
_reflns_shell.meanI_over_uI_all 
_reflns_shell.meanI_over_uI_gt 
_reflns_shell.number_measured_gt 
_reflns_shell.number_unique_gt 
_reflns_shell.percent_possible_gt 
_reflns_shell.Rmerge_F_gt 
_reflns_shell.Rmerge_I_gt 
_reflns_shell.pdbx_redundancy 
_reflns_shell.pdbx_Rsym_value 
_reflns_shell.pdbx_chi_squared 
_reflns_shell.pdbx_netI_over_sigmaI_all 
_reflns_shell.pdbx_netI_over_sigmaI_obs 
_reflns_shell.pdbx_Rrim_I_all 
_reflns_shell.pdbx_Rpim_I_all 
_reflns_shell.pdbx_rejects 
_reflns_shell.pdbx_ordinal 
_reflns_shell.pdbx_diffrn_id 
_reflns_shell.pdbx_CC_half 
_reflns_shell.pdbx_R_split 
1.900 1.970  ? 5.700  5139 ? ? 500 ? 99.800  ? ? ? ? 0.358 ? ? ? ? ? ? ? ? 10.250 ? 1.370 ? ? ? ? 12  1  1 ? ? 
1.970 2.050  ? 7.600  5348 ? ? 501 ? 100.000 ? ? ? ? 0.247 ? ? ? ? ? ? ? ? 10.650 ? 1.070 ? ? ? ? 11  2  1 ? ? 
2.050 2.140  ? 8.000  4969 ? ? 488 ? 100.000 ? ? ? ? 0.240 ? ? ? ? ? ? ? ? 10.110 ? 1.190 ? ? ? ? 35  3  1 ? ? 
2.140 2.250  ? 9.500  5323 ? ? 509 ? 100.000 ? ? ? ? 0.192 ? ? ? ? ? ? ? ? 10.420 ? 1.040 ? ? ? ? 21  4  1 ? ? 
2.250 2.390  ? 10.400 5081 ? ? 492 ? 100.000 ? ? ? ? 0.144 ? ? ? ? ? ? ? ? 10.290 ? 0.880 ? ? ? ? 20  5  1 ? ? 
2.390 2.580  ? 15.800 5314 ? ? 510 ? 100.000 ? ? ? ? 0.099 ? ? ? ? ? ? ? ? 10.390 ? 0.860 ? ? ? ? 13  6  1 ? ? 
2.580 2.840  ? 18.500 5179 ? ? 504 ? 100.000 ? ? ? ? 0.082 ? ? ? ? ? ? ? ? 10.230 ? 0.770 ? ? ? ? 22  7  1 ? ? 
2.840 3.250  ? 29.200 5001 ? ? 501 ? 100.000 ? ? ? ? 0.050 ? ? ? ? ? ? ? ? 9.900  ? 0.760 ? ? ? ? 43  8  1 ? ? 
3.250 4.090  ? 46.700 4614 ? ? 503 ? 99.200  ? ? ? ? 0.030 ? ? ? ? ? ? ? ? 8.780  ? 0.780 ? ? ? ? 196 9  1 ? ? 
4.090 42.520 ? 80.900 5495 ? ? 514 ? 98.800  ? ? ? ? 0.020 ? ? ? ? ? ? ? ? 10.670 ? 0.660 ? ? ? ? 13  10 1 ? ? 
# 
_refine.aniso_B[1][1]                            0.8360 
_refine.aniso_B[1][2]                            0.0000 
_refine.aniso_B[1][3]                            0.0000 
_refine.aniso_B[2][2]                            0.8360 
_refine.aniso_B[2][3]                            0.0000 
_refine.aniso_B[3][3]                            -1.6720 
_refine.B_iso_max                                82.750 
_refine.B_iso_mean                               35.5500 
_refine.B_iso_min                                21.350 
_refine.correlation_coeff_Fo_to_Fc               ? 
_refine.correlation_coeff_Fo_to_Fc_free          ? 
_refine.details                                  ? 
_refine.diff_density_max                         ? 
_refine.diff_density_max_esd                     ? 
_refine.diff_density_min                         ? 
_refine.diff_density_min_esd                     ? 
_refine.diff_density_rms                         ? 
_refine.diff_density_rms_esd                     ? 
_refine.entry_id                                 4U6M 
_refine.pdbx_refine_id                           'X-RAY DIFFRACTION' 
_refine.ls_abs_structure_details                 ? 
_refine.ls_abs_structure_Flack                   ? 
_refine.ls_abs_structure_Flack_esd               ? 
_refine.ls_abs_structure_Rogers                  ? 
_refine.ls_abs_structure_Rogers_esd              ? 
_refine.ls_d_res_high                            1.9000 
_refine.ls_d_res_low                             42.520 
_refine.ls_extinction_coef                       ? 
_refine.ls_extinction_coef_esd                   ? 
_refine.ls_extinction_expression                 ? 
_refine.ls_extinction_method                     ? 
_refine.ls_goodness_of_fit_all                   ? 
_refine.ls_goodness_of_fit_all_esd               ? 
_refine.ls_goodness_of_fit_obs                   ? 
_refine.ls_goodness_of_fit_obs_esd               ? 
_refine.ls_hydrogen_treatment                    ? 
_refine.ls_matrix_type                           ? 
_refine.ls_number_constraints                    ? 
_refine.ls_number_parameters                     ? 
_refine.ls_number_reflns_all                     ? 
_refine.ls_number_reflns_obs                     5020 
_refine.ls_number_reflns_R_free                  271 
_refine.ls_number_reflns_R_work                  4749 
_refine.ls_number_restraints                     ? 
_refine.ls_percent_reflns_obs                    99.8000 
_refine.ls_percent_reflns_R_free                 5.4000 
_refine.ls_R_factor_all                          ? 
_refine.ls_R_factor_obs                          ? 
_refine.ls_R_factor_R_free                       0.2334 
_refine.ls_R_factor_R_free_error                 ? 
_refine.ls_R_factor_R_free_error_details         ? 
_refine.ls_R_factor_R_work                       0.2065 
_refine.ls_R_Fsqd_factor_obs                     ? 
_refine.ls_R_I_factor_obs                        ? 
_refine.ls_redundancy_reflns_all                 ? 
_refine.ls_redundancy_reflns_obs                 ? 
_refine.ls_restrained_S_all                      ? 
_refine.ls_restrained_S_obs                      ? 
_refine.ls_shift_over_esd_max                    ? 
_refine.ls_shift_over_esd_mean                   ? 
_refine.ls_structure_factor_coef                 ? 
_refine.ls_weighting_details                     ? 
_refine.ls_weighting_scheme                      ? 
_refine.ls_wR_factor_all                         ? 
_refine.ls_wR_factor_obs                         ? 
_refine.ls_wR_factor_R_free                      ? 
_refine.ls_wR_factor_R_work                      ? 
_refine.occupancy_max                            ? 
_refine.occupancy_min                            ? 
_refine.solvent_model_details                    ? 
_refine.solvent_model_param_bsol                 94.0510 
_refine.solvent_model_param_ksol                 ? 
_refine.ls_R_factor_gt                           ? 
_refine.ls_goodness_of_fit_gt                    ? 
_refine.ls_goodness_of_fit_ref                   ? 
_refine.ls_shift_over_su_max                     ? 
_refine.ls_shift_over_su_max_lt                  ? 
_refine.ls_shift_over_su_mean                    ? 
_refine.ls_shift_over_su_mean_lt                 ? 
_refine.pdbx_ls_sigma_I                          ? 
_refine.pdbx_ls_sigma_F                          0.000 
_refine.pdbx_ls_sigma_Fsqd                       ? 
_refine.pdbx_data_cutoff_high_absF               ? 
_refine.pdbx_data_cutoff_high_rms_absF           ? 
_refine.pdbx_data_cutoff_low_absF                ? 
_refine.pdbx_isotropic_thermal_model             ? 
_refine.pdbx_ls_cross_valid_method               'FREE R-VALUE' 
_refine.pdbx_method_to_determine_struct          'MOLECULAR REPLACEMENT' 
_refine.pdbx_starting_model                      4U6L 
_refine.pdbx_stereochemistry_target_values       ? 
_refine.pdbx_R_Free_selection_details            ? 
_refine.pdbx_stereochem_target_val_spec_case     ? 
_refine.pdbx_overall_ESU_R                       ? 
_refine.pdbx_overall_ESU_R_Free                  ? 
_refine.pdbx_solvent_vdw_probe_radii             ? 
_refine.pdbx_solvent_ion_probe_radii             ? 
_refine.pdbx_solvent_shrinkage_radii             ? 
_refine.pdbx_real_space_R                        ? 
_refine.pdbx_density_correlation                 ? 
_refine.pdbx_pd_number_of_powder_patterns        ? 
_refine.pdbx_pd_number_of_points                 ? 
_refine.pdbx_pd_meas_number_of_points            ? 
_refine.pdbx_pd_proc_ls_prof_R_factor            ? 
_refine.pdbx_pd_proc_ls_prof_wR_factor           ? 
_refine.pdbx_pd_Marquardt_correlation_coeff      ? 
_refine.pdbx_pd_Fsqrd_R_factor                   ? 
_refine.pdbx_pd_ls_matrix_band_width             ? 
_refine.pdbx_overall_phase_error                 ? 
_refine.pdbx_overall_SU_R_free_Cruickshank_DPI   ? 
_refine.pdbx_overall_SU_R_free_Blow_DPI          ? 
_refine.pdbx_overall_SU_R_Blow_DPI               ? 
_refine.pdbx_TLS_residual_ADP_flag               ? 
_refine.pdbx_diffrn_id                           1 
_refine.overall_SU_B                             ? 
_refine.overall_SU_ML                            ? 
_refine.overall_SU_R_Cruickshank_DPI             ? 
_refine.overall_SU_R_free                        ? 
_refine.overall_FOM_free_R_set                   ? 
_refine.overall_FOM_work_R_set                   0.8441 
# 
_refine_hist.cycle_id                         final 
_refine_hist.pdbx_refine_id                   'X-RAY DIFFRACTION' 
_refine_hist.d_res_high                       1.9000 
_refine_hist.d_res_low                        42.520 
_refine_hist.pdbx_number_atoms_ligand         20 
_refine_hist.number_atoms_solvent             97 
_refine_hist.number_atoms_total               491 
_refine_hist.pdbx_number_residues_total       17 
_refine_hist.pdbx_B_iso_mean_ligand           26.13 
_refine_hist.pdbx_B_iso_mean_solvent          52.19 
_refine_hist.pdbx_number_atoms_protein        0 
_refine_hist.pdbx_number_atoms_nucleic_acid   374 
# 
loop_
_refine_ls_restr.pdbx_refine_id 
_refine_ls_restr.criterion 
_refine_ls_restr.dev_ideal 
_refine_ls_restr.dev_ideal_target 
_refine_ls_restr.number 
_refine_ls_restr.rejects 
_refine_ls_restr.type 
_refine_ls_restr.weight 
_refine_ls_restr.pdbx_restraint_function 
'X-RAY DIFFRACTION' ? 0.006 ?     ? ? c_bond_d     ? ? 
'X-RAY DIFFRACTION' ? 1.163 ?     ? ? c_angle_d    ? ? 
'X-RAY DIFFRACTION' ? 0.000 1.500 ? ? c_mcbond_it  ? ? 
'X-RAY DIFFRACTION' ? 1.408 2.000 ? ? c_scbond_it  ? ? 
'X-RAY DIFFRACTION' ? 0.000 2.000 ? ? c_mcangle_it ? ? 
'X-RAY DIFFRACTION' ? 2.039 2.500 ? ? c_scangle_it ? ? 
# 
loop_
_refine_ls_shell.pdbx_refine_id 
_refine_ls_shell.d_res_high 
_refine_ls_shell.d_res_low 
_refine_ls_shell.number_reflns_all 
_refine_ls_shell.number_reflns_obs 
_refine_ls_shell.number_reflns_R_free 
_refine_ls_shell.number_reflns_R_work 
_refine_ls_shell.percent_reflns_obs 
_refine_ls_shell.percent_reflns_R_free 
_refine_ls_shell.R_factor_all 
_refine_ls_shell.R_factor_obs 
_refine_ls_shell.R_factor_R_free 
_refine_ls_shell.R_factor_R_free_error 
_refine_ls_shell.R_factor_R_work 
_refine_ls_shell.redundancy_reflns_all 
_refine_ls_shell.redundancy_reflns_obs 
_refine_ls_shell.wR_factor_all 
_refine_ls_shell.wR_factor_obs 
_refine_ls_shell.wR_factor_R_free 
_refine_ls_shell.wR_factor_R_work 
_refine_ls_shell.pdbx_total_number_of_bins_used 
_refine_ls_shell.pdbx_phase_error 
'X-RAY DIFFRACTION' 1.9000 1.9700 . . 28 470 99.8000  . . . 0.3509 . 0.2823 . . . . . . . . 
'X-RAY DIFFRACTION' 1.9700 2.0500 . . 32 469 100.0000 . . . 0.2663 . 0.2760 . . . . . . . . 
'X-RAY DIFFRACTION' 2.0500 2.1400 . . 25 463 100.0000 . . . 0.2559 . 0.2685 . . . . . . . . 
'X-RAY DIFFRACTION' 2.1400 2.2500 . . 27 482 100.0000 . . . 0.3020 . 0.2865 . . . . . . . . 
'X-RAY DIFFRACTION' 2.2500 2.3900 . . 23 469 100.0000 . . . 0.3320 . 0.2802 . . . . . . . . 
'X-RAY DIFFRACTION' 2.3900 2.5800 . . 29 481 100.0000 . . . 0.2421 . 0.2690 . . . . . . . . 
'X-RAY DIFFRACTION' 2.5800 2.8400 . . 16 488 100.0000 . . . 0.2564 . 0.2413 . . . . . . . . 
'X-RAY DIFFRACTION' 2.8400 3.2500 . . 39 462 100.0000 . . . 0.2299 . 0.2161 . . . . . . . . 
'X-RAY DIFFRACTION' 3.2500 4.0900 . . 28 475 99.2000  . . . 0.1846 . 0.1615 . . . . . . . . 
'X-RAY DIFFRACTION' 4.0900 42.520 . . 24 490 98.7000  . . . 0.2287 . 0.1697 . . . . . . . . 
# 
loop_
_pdbx_xplor_file.pdbx_refine_id 
_pdbx_xplor_file.serial_no 
_pdbx_xplor_file.param_file 
_pdbx_xplor_file.topol_file 
'X-RAY DIFFRACTION' 1 nco_xplor.param            ? 
'X-RAY DIFFRACTION' 2 dna-rna_201312.param       ? 
'X-RAY DIFFRACTION' 3 CNS_TOPPAR:water_rep.param ? 
'X-RAY DIFFRACTION' 4 CNS_TOPPAR:ion.param       ? 
# 
_struct.entry_id                     4U6M 
_struct.title                        'Crystal structure of DNA/RNA duplex obtained in the presence of Spermine' 
_struct.pdbx_model_details           ? 
_struct.pdbx_formula_weight          ? 
_struct.pdbx_formula_weight_method   ? 
_struct.pdbx_model_type_details      ? 
_struct.pdbx_CASP_flag               ? 
# 
_struct_keywords.entry_id        4U6M 
_struct_keywords.text            'DNA/RNA hybrid duplex, antisense, DNA-RNA complex' 
_struct_keywords.pdbx_keywords   DNA/RNA 
# 
loop_
_struct_asym.id 
_struct_asym.pdbx_blank_PDB_chainid_flag 
_struct_asym.pdbx_modified 
_struct_asym.entity_id 
_struct_asym.details 
A N N 1 ? 
B N N 2 ? 
C N N 3 ? 
D N N 3 ? 
# 
loop_
_struct_conn.id 
_struct_conn.conn_type_id 
_struct_conn.pdbx_leaving_atom_flag 
_struct_conn.pdbx_PDB_id 
_struct_conn.ptnr1_label_asym_id 
_struct_conn.ptnr1_label_comp_id 
_struct_conn.ptnr1_label_seq_id 
_struct_conn.ptnr1_label_atom_id 
_struct_conn.pdbx_ptnr1_label_alt_id 
_struct_conn.pdbx_ptnr1_PDB_ins_code 
_struct_conn.pdbx_ptnr1_standard_comp_id 
_struct_conn.ptnr1_symmetry 
_struct_conn.ptnr2_label_asym_id 
_struct_conn.ptnr2_label_comp_id 
_struct_conn.ptnr2_label_seq_id 
_struct_conn.ptnr2_label_atom_id 
_struct_conn.pdbx_ptnr2_label_alt_id 
_struct_conn.pdbx_ptnr2_PDB_ins_code 
_struct_conn.ptnr1_auth_asym_id 
_struct_conn.ptnr1_auth_comp_id 
_struct_conn.ptnr1_auth_seq_id 
_struct_conn.ptnr2_auth_asym_id 
_struct_conn.ptnr2_auth_comp_id 
_struct_conn.ptnr2_auth_seq_id 
_struct_conn.ptnr2_symmetry 
_struct_conn.pdbx_ptnr3_label_atom_id 
_struct_conn.pdbx_ptnr3_label_seq_id 
_struct_conn.pdbx_ptnr3_label_comp_id 
_struct_conn.pdbx_ptnr3_label_asym_id 
_struct_conn.pdbx_ptnr3_label_alt_id 
_struct_conn.pdbx_ptnr3_PDB_ins_code 
_struct_conn.details 
_struct_conn.pdbx_dist_value 
_struct_conn.pdbx_value_order 
_struct_conn.pdbx_role 
covale1  covale both ? B 5CM 1 "O3'" ? ? ? 1_555 B DT  2 P  ? ? B 5CM 1 B DT  2 1_555 ? ? ? ? ? ? ?            1.604 ? ? 
covale2  covale both ? B DT  8 "O3'" ? ? ? 1_555 B 5CM 9 P  ? ? B DT  8 B 5CM 9 1_555 ? ? ? ? ? ? ?            1.602 ? ? 
hydrog1  hydrog ?    ? A G   1 N1    ? ? ? 1_555 B 5CM 9 N3 ? ? A G   1 B 5CM 9 1_555 ? ? ? ? ? ? WATSON-CRICK ?     ? ? 
hydrog2  hydrog ?    ? A G   1 N2    ? ? ? 1_555 B 5CM 9 O2 ? ? A G   1 B 5CM 9 1_555 ? ? ? ? ? ? WATSON-CRICK ?     ? ? 
hydrog3  hydrog ?    ? A G   1 O6    ? ? ? 1_555 B 5CM 9 N4 ? ? A G   1 B 5CM 9 1_555 ? ? ? ? ? ? WATSON-CRICK ?     ? ? 
hydrog4  hydrog ?    ? A A   2 N1    ? ? ? 1_555 B DT  8 N3 ? ? A A   2 B DT  8 1_555 ? ? ? ? ? ? WATSON-CRICK ?     ? ? 
hydrog5  hydrog ?    ? A A   2 N6    ? ? ? 1_555 B DT  8 O4 ? ? A A   2 B DT  8 1_555 ? ? ? ? ? ? WATSON-CRICK ?     ? ? 
hydrog6  hydrog ?    ? A A   3 N1    ? ? ? 1_555 B DT  7 N3 ? ? A A   3 B DT  7 1_555 ? ? ? ? ? ? WATSON-CRICK ?     ? ? 
hydrog7  hydrog ?    ? A A   3 N6    ? ? ? 1_555 B DT  7 O4 ? ? A A   3 B DT  7 1_555 ? ? ? ? ? ? WATSON-CRICK ?     ? ? 
hydrog8  hydrog ?    ? A G   4 N1    ? ? ? 1_555 B DC  6 N3 ? ? A G   4 B DC  6 1_555 ? ? ? ? ? ? WATSON-CRICK ?     ? ? 
hydrog9  hydrog ?    ? A G   4 N2    ? ? ? 1_555 B DC  6 O2 ? ? A G   4 B DC  6 1_555 ? ? ? ? ? ? WATSON-CRICK ?     ? ? 
hydrog10 hydrog ?    ? A G   4 O6    ? ? ? 1_555 B DC  6 N4 ? ? A G   4 B DC  6 1_555 ? ? ? ? ? ? WATSON-CRICK ?     ? ? 
hydrog11 hydrog ?    ? A A   5 N1    ? ? ? 1_555 B DT  5 N3 ? ? A A   5 B DT  5 1_555 ? ? ? ? ? ? WATSON-CRICK ?     ? ? 
hydrog12 hydrog ?    ? A A   5 N6    ? ? ? 1_555 B DT  5 O4 ? ? A A   5 B DT  5 1_555 ? ? ? ? ? ? WATSON-CRICK ?     ? ? 
hydrog13 hydrog ?    ? A A   6 N1    ? ? ? 1_555 B DT  4 N3 ? ? A A   6 B DT  4 1_555 ? ? ? ? ? ? WATSON-CRICK ?     ? ? 
hydrog14 hydrog ?    ? A A   6 N6    ? ? ? 1_555 B DT  4 O4 ? ? A A   6 B DT  4 1_555 ? ? ? ? ? ? WATSON-CRICK ?     ? ? 
hydrog15 hydrog ?    ? A G   7 N1    ? ? ? 1_555 B DC  3 N3 ? ? A G   7 B DC  3 1_555 ? ? ? ? ? ? WATSON-CRICK ?     ? ? 
hydrog16 hydrog ?    ? A G   7 N2    ? ? ? 1_555 B DC  3 O2 ? ? A G   7 B DC  3 1_555 ? ? ? ? ? ? WATSON-CRICK ?     ? ? 
hydrog17 hydrog ?    ? A G   7 O6    ? ? ? 1_555 B DC  3 N4 ? ? A G   7 B DC  3 1_555 ? ? ? ? ? ? WATSON-CRICK ?     ? ? 
hydrog18 hydrog ?    ? A A   8 N1    ? ? ? 1_555 B DT  2 N3 ? ? A A   8 B DT  2 1_555 ? ? ? ? ? ? WATSON-CRICK ?     ? ? 
hydrog19 hydrog ?    ? A A   8 N6    ? ? ? 1_555 B DT  2 O4 ? ? A A   8 B DT  2 1_555 ? ? ? ? ? ? WATSON-CRICK ?     ? ? 
hydrog20 hydrog ?    ? A G   9 N1    ? ? ? 1_555 B 5CM 1 N3 ? ? A G   9 B 5CM 1 1_555 ? ? ? ? ? ? WATSON-CRICK ?     ? ? 
hydrog21 hydrog ?    ? A G   9 N2    ? ? ? 1_555 B 5CM 1 O2 ? ? A G   9 B 5CM 1 1_555 ? ? ? ? ? ? WATSON-CRICK ?     ? ? 
hydrog22 hydrog ?    ? A G   9 O6    ? ? ? 1_555 B 5CM 1 N4 ? ? A G   9 B 5CM 1 1_555 ? ? ? ? ? ? WATSON-CRICK ?     ? ? 
# 
loop_
_struct_conn_type.id 
_struct_conn_type.criteria 
_struct_conn_type.reference 
covale ? ? 
hydrog ? ? 
# 
_struct_site.id                   AC1 
_struct_site.pdbx_evidence_code   Software 
_struct_site.pdbx_auth_asym_id    B 
_struct_site.pdbx_auth_comp_id    5CM 
_struct_site.pdbx_auth_seq_id     1 
_struct_site.pdbx_auth_ins_code   ? 
_struct_site.pdbx_num_residues    40 
_struct_site.details              'binding site for B 1 to 9' 
# 
loop_
_struct_site_gen.id 
_struct_site_gen.site_id 
_struct_site_gen.pdbx_num_res 
_struct_site_gen.label_comp_id 
_struct_site_gen.label_asym_id 
_struct_site_gen.label_seq_id 
_struct_site_gen.pdbx_auth_ins_code 
_struct_site_gen.auth_comp_id 
_struct_site_gen.auth_asym_id 
_struct_site_gen.auth_seq_id 
_struct_site_gen.label_atom_id 
_struct_site_gen.label_alt_id 
_struct_site_gen.symmetry 
_struct_site_gen.details 
1  AC1 40 G   A 1 ? G   A 1   . ? 6_555 ? 
2  AC1 40 G   A 1 ? G   A 1   . ? 1_555 ? 
3  AC1 40 A   A 2 ? A   A 2   . ? 1_555 ? 
4  AC1 40 A   A 3 ? A   A 3   . ? 1_555 ? 
5  AC1 40 G   A 4 ? G   A 4   . ? 1_555 ? 
6  AC1 40 G   A 4 ? G   A 4   . ? 4_445 ? 
7  AC1 40 A   A 5 ? A   A 5   . ? 4_445 ? 
8  AC1 40 A   A 5 ? A   A 5   . ? 1_555 ? 
9  AC1 40 A   A 6 ? A   A 6   . ? 1_555 ? 
10 AC1 40 G   A 7 ? G   A 7   . ? 1_555 ? 
11 AC1 40 A   A 8 ? A   A 8   . ? 1_555 ? 
12 AC1 40 G   A 9 ? G   A 9   . ? 4_444 ? 
13 AC1 40 G   A 9 ? G   A 9   . ? 1_555 ? 
14 AC1 40 HOH D . ? HOH B 101 . ? 1_555 ? 
15 AC1 40 HOH D . ? HOH B 102 . ? 1_555 ? 
16 AC1 40 HOH D . ? HOH B 103 . ? 1_555 ? 
17 AC1 40 HOH D . ? HOH B 104 . ? 1_555 ? 
18 AC1 40 HOH D . ? HOH B 105 . ? 1_555 ? 
19 AC1 40 HOH D . ? HOH B 106 . ? 1_555 ? 
20 AC1 40 HOH D . ? HOH B 107 . ? 1_555 ? 
21 AC1 40 HOH D . ? HOH B 108 . ? 1_555 ? 
22 AC1 40 HOH D . ? HOH B 109 . ? 1_555 ? 
23 AC1 40 HOH D . ? HOH B 110 . ? 1_555 ? 
24 AC1 40 HOH D . ? HOH B 111 . ? 1_555 ? 
25 AC1 40 HOH D . ? HOH B 112 . ? 1_555 ? 
26 AC1 40 HOH D . ? HOH B 118 . ? 1_555 ? 
27 AC1 40 HOH D . ? HOH B 119 . ? 1_555 ? 
28 AC1 40 HOH D . ? HOH B 121 . ? 1_555 ? 
29 AC1 40 HOH D . ? HOH B 122 . ? 1_555 ? 
30 AC1 40 HOH D . ? HOH B 123 . ? 1_555 ? 
31 AC1 40 HOH D . ? HOH B 124 . ? 1_555 ? 
32 AC1 40 HOH D . ? HOH B 125 . ? 1_555 ? 
33 AC1 40 HOH D . ? HOH B 126 . ? 1_555 ? 
34 AC1 40 HOH D . ? HOH B 128 . ? 1_555 ? 
35 AC1 40 HOH D . ? HOH B 129 . ? 1_555 ? 
36 AC1 40 HOH D . ? HOH B 130 . ? 1_555 ? 
37 AC1 40 HOH D . ? HOH B 132 . ? 1_555 ? 
38 AC1 40 HOH D . ? HOH B 133 . ? 1_555 ? 
39 AC1 40 HOH D . ? HOH B 140 . ? 1_555 ? 
40 AC1 40 HOH D . ? HOH B 150 . ? 1_555 ? 
# 
_atom_sites.entry_id                    4U6M 
_atom_sites.fract_transf_matrix[1][1]   -0.01337336 
_atom_sites.fract_transf_matrix[1][2]   -0.01399216 
_atom_sites.fract_transf_matrix[1][3]   0.01336681 
_atom_sites.fract_transf_matrix[2][1]   -0.02335779 
_atom_sites.fract_transf_matrix[2][2]   -0.00009543 
_atom_sites.fract_transf_matrix[2][3]   -0.00277293 
_atom_sites.fract_transf_matrix[3][1]   0.00181855 
_atom_sites.fract_transf_matrix[3][2]   -0.01585092 
_atom_sites.fract_transf_matrix[3][3]   -0.01477304 
_atom_sites.fract_transf_vector[1]      -0.454105 
_atom_sites.fract_transf_vector[2]      -0.431867 
_atom_sites.fract_transf_vector[3]      0.020264 
# 
loop_
_atom_type.symbol 
C 
N 
O 
P 
# 
loop_
_atom_site.group_PDB 
_atom_site.id 
_atom_site.type_symbol 
_atom_site.label_atom_id 
_atom_site.label_alt_id 
_atom_site.label_comp_id 
_atom_site.label_asym_id 
_atom_site.label_entity_id 
_atom_site.label_seq_id 
_atom_site.pdbx_PDB_ins_code 
_atom_site.Cartn_x 
_atom_site.Cartn_y 
_atom_site.Cartn_z 
_atom_site.occupancy 
_atom_site.B_iso_or_equiv 
_atom_site.pdbx_formal_charge 
_atom_site.auth_seq_id 
_atom_site.auth_comp_id 
_atom_site.auth_asym_id 
_atom_site.auth_atom_id 
_atom_site.pdbx_PDB_model_num 
ATOM   1   O "O5'" . G   A 1 1 ? -9.851  1.122   -7.043  1.00 40.74 ? 1   G   A "O5'" 1 
ATOM   2   C "C5'" . G   A 1 1 ? -10.310 1.602   -8.306  1.00 36.92 ? 1   G   A "C5'" 1 
ATOM   3   C "C4'" . G   A 1 1 ? -10.315 3.163   -8.347  1.00 35.65 ? 1   G   A "C4'" 1 
ATOM   4   O "O4'" . G   A 1 1 ? -11.345 3.670   -7.460  1.00 37.17 ? 1   G   A "O4'" 1 
ATOM   5   C "C3'" . G   A 1 1 ? -9.034  3.833   -7.883  1.00 35.30 ? 1   G   A "C3'" 1 
ATOM   6   O "O3'" . G   A 1 1 ? -8.091  3.964   -8.867  1.00 35.98 ? 1   G   A "O3'" 1 
ATOM   7   C "C2'" . G   A 1 1 ? -9.526  5.192   -7.400  1.00 35.21 ? 1   G   A "C2'" 1 
ATOM   8   O "O2'" . G   A 1 1 ? -9.714  6.139   -8.430  1.00 36.26 ? 1   G   A "O2'" 1 
ATOM   9   C "C1'" . G   A 1 1 ? -10.870 4.817   -6.778  1.00 34.08 ? 1   G   A "C1'" 1 
ATOM   10  N N9    . G   A 1 1 ? -10.763 4.492   -5.360  1.00 33.68 ? 1   G   A N9    1 
ATOM   11  C C8    . G   A 1 1 ? -10.855 3.247   -4.784  1.00 33.15 ? 1   G   A C8    1 
ATOM   12  N N7    . G   A 1 1 ? -10.754 3.277   -3.482  1.00 33.69 ? 1   G   A N7    1 
ATOM   13  C C5    . G   A 1 1 ? -10.579 4.621   -3.181  1.00 31.49 ? 1   G   A C5    1 
ATOM   14  C C6    . G   A 1 1 ? -10.427 5.266   -1.933  1.00 31.09 ? 1   G   A C6    1 
ATOM   15  O O6    . G   A 1 1 ? -10.431 4.762   -0.799  1.00 30.42 ? 1   G   A O6    1 
ATOM   16  N N1    . G   A 1 1 ? -10.268 6.642   -2.085  1.00 29.63 ? 1   G   A N1    1 
ATOM   17  C C2    . G   A 1 1 ? -10.266 7.310   -3.288  1.00 29.50 ? 1   G   A C2    1 
ATOM   18  N N2    . G   A 1 1 ? -10.094 8.637   -3.236  1.00 27.75 ? 1   G   A N2    1 
ATOM   19  N N3    . G   A 1 1 ? -10.417 6.716   -4.459  1.00 29.92 ? 1   G   A N3    1 
ATOM   20  C C4    . G   A 1 1 ? -10.568 5.382   -4.331  1.00 31.07 ? 1   G   A C4    1 
ATOM   21  P P     . A   A 1 2 ? -6.556  3.674   -8.527  1.00 36.37 ? 2   A   A P     1 
ATOM   22  O OP1   . A   A 1 2 ? -5.681  3.676   -9.862  1.00 39.11 ? 2   A   A OP1   1 
ATOM   23  O OP2   . A   A 1 2 ? -6.396  2.495   -7.456  1.00 37.98 ? 2   A   A OP2   1 
ATOM   24  O "O5'" . A   A 1 2 ? -6.075  4.976   -7.657  1.00 35.27 ? 2   A   A "O5'" 1 
ATOM   25  C "C5'" . A   A 1 2 ? -6.195  6.205   -8.301  1.00 32.93 ? 2   A   A "C5'" 1 
ATOM   26  C "C4'" . A   A 1 2 ? -6.125  7.372   -7.267  1.00 32.62 ? 2   A   A "C4'" 1 
ATOM   27  O "O4'" . A   A 1 2 ? -7.232  7.262   -6.338  1.00 32.18 ? 2   A   A "O4'" 1 
ATOM   28  C "C3'" . A   A 1 2 ? -4.903  7.419   -6.371  1.00 31.42 ? 2   A   A "C3'" 1 
ATOM   29  O "O3'" . A   A 1 2 ? -3.812  8.007   -6.961  1.00 34.07 ? 2   A   A "O3'" 1 
ATOM   30  C "C2'" . A   A 1 2 ? -5.416  8.280   -5.228  1.00 31.65 ? 2   A   A "C2'" 1 
ATOM   31  O "O2'" . A   A 1 2 ? -5.508  9.644   -5.584  1.00 30.85 ? 2   A   A "O2'" 1 
ATOM   32  C "C1'" . A   A 1 2 ? -6.824  7.718   -5.059  1.00 30.76 ? 2   A   A "C1'" 1 
ATOM   33  N N9    . A   A 1 2 ? -6.891  6.599   -4.120  1.00 28.87 ? 2   A   A N9    1 
ATOM   34  C C8    . A   A 1 2 ? -6.949  5.253   -4.385  1.00 28.72 ? 2   A   A C8    1 
ATOM   35  N N7    . A   A 1 2 ? -7.016  4.506   -3.309  1.00 26.43 ? 2   A   A N7    1 
ATOM   36  C C5    . A   A 1 2 ? -7.001  5.422   -2.267  1.00 27.66 ? 2   A   A C5    1 
ATOM   37  C C6    . A   A 1 2 ? -7.055  5.271   -0.867  1.00 27.63 ? 2   A   A C6    1 
ATOM   38  N N6    . A   A 1 2 ? -7.154  4.096   -0.248  1.00 26.94 ? 2   A   A N6    1 
ATOM   39  N N1    . A   A 1 2 ? -7.006  6.390   -0.115  1.00 27.29 ? 2   A   A N1    1 
ATOM   40  C C2    . A   A 1 2 ? -6.925  7.574   -0.732  1.00 27.00 ? 2   A   A C2    1 
ATOM   41  N N3    . A   A 1 2 ? -6.878  7.844   -2.032  1.00 26.82 ? 2   A   A N3    1 
ATOM   42  C C4    . A   A 1 2 ? -6.918  6.712   -2.752  1.00 26.53 ? 2   A   A C4    1 
ATOM   43  P P     . A   A 1 3 ? -2.333  7.533   -6.555  1.00 34.98 ? 3   A   A P     1 
ATOM   44  O OP1   . A   A 1 3 ? -1.277  8.289   -7.475  1.00 37.08 ? 3   A   A OP1   1 
ATOM   45  O OP2   . A   A 1 3 ? -2.225  5.948   -6.322  1.00 34.98 ? 3   A   A OP2   1 
ATOM   46  O "O5'" . A   A 1 3 ? -2.097  8.113   -5.037  1.00 34.59 ? 3   A   A "O5'" 1 
ATOM   47  C "C5'" . A   A 1 3 ? -2.037  9.500   -4.922  1.00 33.09 ? 3   A   A "C5'" 1 
ATOM   48  C "C4'" . A   A 1 3 ? -2.167  9.930   -3.428  1.00 33.64 ? 3   A   A "C4'" 1 
ATOM   49  O "O4'" . A   A 1 3 ? -3.394  9.383   -2.883  1.00 31.70 ? 3   A   A "O4'" 1 
ATOM   50  C "C3'" . A   A 1 3 ? -1.086  9.452   -2.476  1.00 34.04 ? 3   A   A "C3'" 1 
ATOM   51  O "O3'" . A   A 1 3 ? 0.018   10.270  -2.454  1.00 36.63 ? 3   A   A "O3'" 1 
ATOM   52  C "C2'" . A   A 1 3 ? -1.803  9.516   -1.136  1.00 31.75 ? 3   A   A "C2'" 1 
ATOM   53  O "O2'" . A   A 1 3 ? -1.865  10.819  -0.600  1.00 31.71 ? 3   A   A "O2'" 1 
ATOM   54  C "C1'" . A   A 1 3 ? -3.201  9.047   -1.525  1.00 30.28 ? 3   A   A "C1'" 1 
ATOM   55  N N9    . A   A 1 3 ? -3.364  7.606   -1.382  1.00 26.63 ? 3   A   A N9    1 
ATOM   56  C C8    . A   A 1 3 ? -3.358  6.636   -2.353  1.00 26.40 ? 3   A   A C8    1 
ATOM   57  N N7    . A   A 1 3 ? -3.543  5.426   -1.887  1.00 25.26 ? 3   A   A N7    1 
ATOM   58  C C5    . A   A 1 3 ? -3.675  5.615   -0.517  1.00 23.65 ? 3   A   A C5    1 
ATOM   59  C C6    . A   A 1 3 ? -3.904  4.722   0.539   1.00 25.90 ? 3   A   A C6    1 
ATOM   60  N N6    . A   A 1 3 ? -4.044  3.402   0.375   1.00 23.24 ? 3   A   A N6    1 
ATOM   61  N N1    . A   A 1 3 ? -3.989  5.233   1.787   1.00 25.50 ? 3   A   A N1    1 
ATOM   62  C C2    . A   A 1 3 ? -3.853  6.557   1.949   1.00 24.86 ? 3   A   A C2    1 
ATOM   63  N N3    . A   A 1 3 ? -3.641  7.498   1.035   1.00 25.68 ? 3   A   A N3    1 
ATOM   64  C C4    . A   A 1 3 ? -3.561  6.951   -0.194  1.00 26.56 ? 3   A   A C4    1 
ATOM   65  P P     . G   A 1 4 ? 1.423   9.695   -1.941  1.00 40.79 ? 4   G   A P     1 
ATOM   66  O OP1   . G   A 1 4 ? 2.594   10.733  -2.279  1.00 42.31 ? 4   G   A OP1   1 
ATOM   67  O OP2   . G   A 1 4 ? 1.609   8.131   -2.261  1.00 37.79 ? 4   G   A OP2   1 
ATOM   68  O "O5'" . G   A 1 4 ? 1.290   9.649   -0.306  1.00 38.89 ? 4   G   A "O5'" 1 
ATOM   69  C "C5'" . G   A 1 4 ? 1.345   10.864  0.378   1.00 38.24 ? 4   G   A "C5'" 1 
ATOM   70  C "C4'" . G   A 1 4 ? 1.449   10.611  1.923   1.00 37.51 ? 4   G   A "C4'" 1 
ATOM   71  O "O4'" . G   A 1 4 ? 0.185   10.091  2.429   1.00 35.26 ? 4   G   A "O4'" 1 
ATOM   72  C "C3'" . G   A 1 4 ? 2.486   9.590   2.372   1.00 39.07 ? 4   G   A "C3'" 1 
ATOM   73  O "O3'" . G   A 1 4 ? 3.774   10.069  2.497   1.00 42.15 ? 4   G   A "O3'" 1 
ATOM   74  C "C2'" . G   A 1 4 ? 1.928   9.169   3.722   1.00 37.03 ? 4   G   A "C2'" 1 
ATOM   75  O "O2'" . G   A 1 4 ? 2.154   10.137  4.728   1.00 38.42 ? 4   G   A "O2'" 1 
ATOM   76  C "C1'" . G   A 1 4 ? 0.438   9.079   3.395   1.00 35.05 ? 4   G   A "C1'" 1 
ATOM   77  N N9    . G   A 1 4 ? 0.076   7.791   2.808   1.00 31.88 ? 4   G   A N9    1 
ATOM   78  C C8    . G   A 1 4 ? -0.070  7.506   1.471   1.00 31.32 ? 4   G   A C8    1 
ATOM   79  N N7    . G   A 1 4 ? -0.401  6.264   1.243   1.00 29.42 ? 4   G   A N7    1 
ATOM   80  C C5    . G   A 1 4 ? -0.479  5.690   2.508   1.00 29.83 ? 4   G   A C5    1 
ATOM   81  C C6    . G   A 1 4 ? -0.806  4.366   2.892   1.00 28.27 ? 4   G   A C6    1 
ATOM   82  O O6    . G   A 1 4 ? -1.118  3.416   2.169   1.00 29.14 ? 4   G   A O6    1 
ATOM   83  N N1    . G   A 1 4 ? -0.754  4.204   4.277   1.00 28.26 ? 4   G   A N1    1 
ATOM   84  C C2    . G   A 1 4 ? -0.438  5.196   5.179   1.00 29.56 ? 4   G   A C2    1 
ATOM   85  N N2    . G   A 1 4 ? -0.429  4.839   6.479   1.00 28.67 ? 4   G   A N2    1 
ATOM   86  N N3    . G   A 1 4 ? -0.147  6.443   4.832   1.00 30.17 ? 4   G   A N3    1 
ATOM   87  C C4    . G   A 1 4 ? -0.183  6.617   3.485   1.00 30.75 ? 4   G   A C4    1 
ATOM   88  P P     . A   A 1 5 ? 5.006   9.179   1.976   1.00 42.47 ? 5   A   A P     1 
ATOM   89  O OP1   . A   A 1 5 ? 6.382   9.951   2.259   1.00 44.82 ? 5   A   A OP1   1 
ATOM   90  O OP2   . A   A 1 5 ? 4.718   8.512   0.537   1.00 42.05 ? 5   A   A OP2   1 
ATOM   91  O "O5'" . A   A 1 5 ? 5.018   7.827   2.912   1.00 42.20 ? 5   A   A "O5'" 1 
ATOM   92  C "C5'" . A   A 1 5 ? 5.505   7.955   4.206   1.00 38.81 ? 5   A   A "C5'" 1 
ATOM   93  C "C4'" . A   A 1 5 ? 5.274   6.629   5.010   1.00 38.31 ? 5   A   A "C4'" 1 
ATOM   94  O "O4'" . A   A 1 5 ? 3.876   6.242   4.922   1.00 35.88 ? 5   A   A "O4'" 1 
ATOM   95  C "C3'" . A   A 1 5 ? 5.974   5.360   4.552   1.00 38.48 ? 5   A   A "C3'" 1 
ATOM   96  O "O3'" . A   A 1 5 ? 7.336   5.286   4.833   1.00 40.74 ? 5   A   A "O3'" 1 
ATOM   97  C "C2'" . A   A 1 5 ? 5.192   4.326   5.344   1.00 36.54 ? 5   A   A "C2'" 1 
ATOM   98  O "O2'" . A   A 1 5 ? 5.509   4.337   6.717   1.00 36.50 ? 5   A   A "O2'" 1 
ATOM   99  C "C1'" . A   A 1 5 ? 3.765   4.846   5.153   1.00 33.88 ? 5   A   A "C1'" 1 
ATOM   100 N N9    . A   A 1 5 ? 3.134   4.219   3.992   1.00 32.67 ? 5   A   A N9    1 
ATOM   101 C C8    . A   A 1 5 ? 3.004   4.691   2.709   1.00 31.48 ? 5   A   A C8    1 
ATOM   102 N N7    . A   A 1 5 ? 2.435   3.838   1.888   1.00 31.51 ? 5   A   A N7    1 
ATOM   103 C C5    . A   A 1 5 ? 2.161   2.736   2.692   1.00 29.87 ? 5   A   A C5    1 
ATOM   104 C C6    . A   A 1 5 ? 1.571   1.485   2.423   1.00 29.24 ? 5   A   A C6    1 
ATOM   105 N N6    . A   A 1 5 ? 1.150   1.101   1.214   1.00 27.61 ? 5   A   A N6    1 
ATOM   106 N N1    . A   A 1 5 ? 1.433   0.626   3.452   1.00 29.47 ? 5   A   A N1    1 
ATOM   107 C C2    . A   A 1 5 ? 1.868   0.999   4.664   1.00 28.87 ? 5   A   A C2    1 
ATOM   108 N N3    . A   A 1 5 ? 2.447   2.134   5.036   1.00 27.61 ? 5   A   A N3    1 
ATOM   109 C C4    . A   A 1 5 ? 2.567   2.968   3.992   1.00 29.62 ? 5   A   A C4    1 
ATOM   110 P P     . A   A 1 6 ? 8.303   4.409   3.887   1.00 41.16 ? 6   A   A P     1 
ATOM   111 O OP1   . A   A 1 6 ? 9.836   4.724   4.219   1.00 43.52 ? 6   A   A OP1   1 
ATOM   112 O OP2   . A   A 1 6 ? 7.793   4.367   2.361   1.00 40.75 ? 6   A   A OP2   1 
ATOM   113 O "O5'" . A   A 1 6 ? 8.055   2.864   4.342   1.00 39.55 ? 6   A   A "O5'" 1 
ATOM   114 C "C5'" . A   A 1 6 ? 8.153   2.616   5.699   1.00 39.64 ? 6   A   A "C5'" 1 
ATOM   115 C "C4'" . A   A 1 6 ? 7.486   1.255   6.047   1.00 39.37 ? 6   A   A "C4'" 1 
ATOM   116 O "O4'" . A   A 1 6 ? 6.088   1.285   5.672   1.00 39.21 ? 6   A   A "O4'" 1 
ATOM   117 C "C3'" . A   A 1 6 ? 8.019   0.036   5.323   1.00 40.10 ? 6   A   A "C3'" 1 
ATOM   118 O "O3'" . A   A 1 6 ? 9.195   -0.450  5.849   1.00 41.99 ? 6   A   A "O3'" 1 
ATOM   119 C "C2'" . A   A 1 6 ? 6.865   -0.943  5.493   1.00 39.34 ? 6   A   A "C2'" 1 
ATOM   120 O "O2'" . A   A 1 6 ? 6.795   -1.517  6.783   1.00 39.10 ? 6   A   A "O2'" 1 
ATOM   121 C "C1'" . A   A 1 6 ? 5.668   -0.016  5.289   1.00 37.06 ? 6   A   A "C1'" 1 
ATOM   122 N N9    . A   A 1 6 ? 5.220   0.043   3.899   1.00 36.19 ? 6   A   A N9    1 
ATOM   123 C C8    . A   A 1 6 ? 5.462   1.031   2.977   1.00 34.66 ? 6   A   A C8    1 
ATOM   124 N N7    . A   A 1 6 ? 4.931   0.797   1.801   1.00 34.24 ? 6   A   A N7    1 
ATOM   125 C C5    . A   A 1 6 ? 4.298   -0.429  1.960   1.00 33.67 ? 6   A   A C5    1 
ATOM   126 C C6    . A   A 1 6 ? 3.556   -1.229  1.082   1.00 31.84 ? 6   A   A C6    1 
ATOM   127 N N6    . A   A 1 6 ? 3.329   -0.913  -0.195  1.00 31.64 ? 6   A   A N6    1 
ATOM   128 N N1    . A   A 1 6 ? 3.053   -2.387  1.560   1.00 31.75 ? 6   A   A N1    1 
ATOM   129 C C2    . A   A 1 6 ? 3.293   -2.711  2.834   1.00 31.03 ? 6   A   A C2    1 
ATOM   130 N N3    . A   A 1 6 ? 3.980   -2.049  3.754   1.00 33.32 ? 6   A   A N3    1 
ATOM   131 C C4    . A   A 1 6 ? 4.463   -0.901  3.248   1.00 33.50 ? 6   A   A C4    1 
ATOM   132 P P     . G   A 1 7 ? 10.233  -1.212  4.893   1.00 41.60 ? 7   G   A P     1 
ATOM   133 O OP1   . G   A 1 7 ? 11.625  -1.439  5.652   1.00 44.06 ? 7   G   A OP1   1 
ATOM   134 O OP2   . G   A 1 7 ? 10.209  -0.623  3.403   1.00 41.49 ? 7   G   A OP2   1 
ATOM   135 O "O5'" . G   A 1 7 ? 9.568   -2.683  4.673   1.00 38.67 ? 7   G   A "O5'" 1 
ATOM   136 C "C5'" . G   A 1 7 ? 9.303   -3.408  5.829   1.00 39.75 ? 7   G   A "C5'" 1 
ATOM   137 C "C4'" . G   A 1 7 ? 8.356   -4.607  5.517   1.00 38.33 ? 7   G   A "C4'" 1 
ATOM   138 O "O4'" . G   A 1 7 ? 7.090   -4.107  5.020   1.00 39.64 ? 7   G   A "O4'" 1 
ATOM   139 C "C3'" . G   A 1 7 ? 8.818   -5.603  4.464   1.00 38.35 ? 7   G   A "C3'" 1 
ATOM   140 O "O3'" . G   A 1 7 ? 9.660   -6.576  4.965   1.00 38.23 ? 7   G   A "O3'" 1 
ATOM   141 C "C2'" . G   A 1 7 ? 7.499   -6.217  4.018   1.00 38.42 ? 7   G   A "C2'" 1 
ATOM   142 O "O2'" . G   A 1 7 ? 7.015   -7.227  4.881   1.00 40.43 ? 7   G   A "O2'" 1 
ATOM   143 C "C1'" . G   A 1 7 ? 6.574   -5.000  4.053   1.00 37.36 ? 7   G   A "C1'" 1 
ATOM   144 N N9    . G   A 1 7 ? 6.523   -4.297  2.776   1.00 36.39 ? 7   G   A N9    1 
ATOM   145 C C8    . G   A 1 7 ? 7.108   -3.095  2.463   1.00 37.10 ? 7   G   A C8    1 
ATOM   146 N N7    . G   A 1 7 ? 6.867   -2.711  1.237   1.00 35.50 ? 7   G   A N7    1 
ATOM   147 C C5    . G   A 1 7 ? 6.077   -3.726  0.714   1.00 34.76 ? 7   G   A C5    1 
ATOM   148 C C6    . G   A 1 7 ? 5.504   -3.868  -0.572  1.00 33.79 ? 7   G   A C6    1 
ATOM   149 O O6    . G   A 1 7 ? 5.574   -3.097  -1.532  1.00 34.01 ? 7   G   A O6    1 
ATOM   150 N N1    . G   A 1 7 ? 4.786   -5.051  -0.682  1.00 32.70 ? 7   G   A N1    1 
ATOM   151 C C2    . G   A 1 7 ? 4.631   -5.978  0.318   1.00 33.66 ? 7   G   A C2    1 
ATOM   152 N N2    . G   A 1 7 ? 3.889   -7.051  0.021   1.00 31.67 ? 7   G   A N2    1 
ATOM   153 N N3    . G   A 1 7 ? 5.159   -5.857  1.522   1.00 33.69 ? 7   G   A N3    1 
ATOM   154 C C4    . G   A 1 7 ? 5.864   -4.715  1.649   1.00 34.86 ? 7   G   A C4    1 
ATOM   155 P P     . A   A 1 8 ? 10.768  -7.244  4.015   1.00 36.51 ? 8   A   A P     1 
ATOM   156 O OP1   . A   A 1 8 ? 11.753  -8.118  4.920   1.00 37.58 ? 8   A   A OP1   1 
ATOM   157 O OP2   . A   A 1 8 ? 11.355  -6.226  2.941   1.00 34.83 ? 8   A   A OP2   1 
ATOM   158 O "O5'" . A   A 1 8 ? 9.934   -8.285  3.051   1.00 34.02 ? 8   A   A "O5'" 1 
ATOM   159 C "C5'" . A   A 1 8 ? 9.512   -9.482  3.636   1.00 31.84 ? 8   A   A "C5'" 1 
ATOM   160 C "C4'" . A   A 1 8 ? 8.831   -10.407 2.571   1.00 31.87 ? 8   A   A "C4'" 1 
ATOM   161 O "O4'" . A   A 1 8 ? 7.542   -9.869  2.160   1.00 31.91 ? 8   A   A "O4'" 1 
ATOM   162 C "C3'" . A   A 1 8 ? 9.575   -10.625 1.268   1.00 31.50 ? 8   A   A "C3'" 1 
ATOM   163 O "O3'" . A   A 1 8 ? 10.597  -11.553 1.327   1.00 30.73 ? 8   A   A "O3'" 1 
ATOM   164 C "C2'" . A   A 1 8 ? 8.443   -11.087 0.368   1.00 29.48 ? 8   A   A "C2'" 1 
ATOM   165 O "O2'" . A   A 1 8 ? 8.023   -12.405 0.662   1.00 33.22 ? 8   A   A "O2'" 1 
ATOM   166 C "C1'" . A   A 1 8 ? 7.359   -10.090 0.768   1.00 30.76 ? 8   A   A "C1'" 1 
ATOM   167 N N9    . A   A 1 8 ? 7.522   -8.809  0.079   1.00 29.57 ? 8   A   A N9    1 
ATOM   168 C C8    . A   A 1 8 ? 8.159   -7.689  0.540   1.00 28.57 ? 8   A   A C8    1 
ATOM   169 N N7    . A   A 1 8 ? 8.159   -6.693  -0.309  1.00 27.87 ? 8   A   A N7    1 
ATOM   170 C C5    . A   A 1 8 ? 7.467   -7.190  -1.405  1.00 28.67 ? 8   A   A C5    1 
ATOM   171 C C6    . A   A 1 8 ? 7.128   -6.622  -2.644  1.00 29.01 ? 8   A   A C6    1 
ATOM   172 N N6    . A   A 1 8 ? 7.454   -5.377  -3.004  1.00 28.50 ? 8   A   A N6    1 
ATOM   173 N N1    . A   A 1 8 ? 6.436   -7.388  -3.517  1.00 30.12 ? 8   A   A N1    1 
ATOM   174 C C2    . A   A 1 8 ? 6.114   -8.636  -3.157  1.00 29.08 ? 8   A   A C2    1 
ATOM   175 N N3    . A   A 1 8 ? 6.382   -9.282  -2.023  1.00 29.99 ? 8   A   A N3    1 
ATOM   176 C C4    . A   A 1 8 ? 7.068   -8.491  -1.180  1.00 28.67 ? 8   A   A C4    1 
ATOM   177 P P     . G   A 1 9 ? 11.896  -11.371 0.396   1.00 29.49 ? 9   G   A P     1 
ATOM   178 O OP1   . G   A 1 9 ? 12.921  -12.522 0.727   1.00 30.23 ? 9   G   A OP1   1 
ATOM   179 O OP2   . G   A 1 9 ? 12.390  -9.854  0.308   1.00 28.32 ? 9   G   A OP2   1 
ATOM   180 O "O5'" . G   A 1 9 ? 11.373  -11.640 -1.127  1.00 30.10 ? 9   G   A "O5'" 1 
ATOM   181 C "C5'" . G   A 1 9 ? 10.961  -12.944 -1.410  1.00 30.16 ? 9   G   A "C5'" 1 
ATOM   182 C "C4'" . G   A 1 9 ? 10.235  -12.996 -2.794  1.00 28.56 ? 9   G   A "C4'" 1 
ATOM   183 O "O4'" . G   A 1 9 ? 9.161   -12.021 -2.798  1.00 28.35 ? 9   G   A "O4'" 1 
ATOM   184 C "C3'" . G   A 1 9 ? 11.069  -12.614 -4.002  1.00 29.08 ? 9   G   A "C3'" 1 
ATOM   185 O "O3'" . G   A 1 9 ? 11.991  -13.616 -4.428  1.00 31.14 ? 9   G   A "O3'" 1 
ATOM   186 C "C2'" . G   A 1 9 ? 9.994   -12.221 -5.001  1.00 29.82 ? 9   G   A "C2'" 1 
ATOM   187 O "O2'" . G   A 1 9 ? 9.316   -13.318 -5.576  1.00 31.01 ? 9   G   A "O2'" 1 
ATOM   188 C "C1'" . G   A 1 9 ? 9.032   -11.460 -4.092  1.00 27.90 ? 9   G   A "C1'" 1 
ATOM   189 N N9    . G   A 1 9 ? 9.388   -10.049 -4.031  1.00 27.79 ? 9   G   A N9    1 
ATOM   190 C C8    . G   A 1 9 ? 10.077  -9.393  -3.042  1.00 27.05 ? 9   G   A C8    1 
ATOM   191 N N7    . G   A 1 9 ? 10.279  -8.133  -3.314  1.00 26.04 ? 9   G   A N7    1 
ATOM   192 C C5    . G   A 1 9 ? 9.675   -7.949  -4.548  1.00 26.89 ? 9   G   A C5    1 
ATOM   193 C C6    . G   A 1 9 ? 9.575   -6.794  -5.362  1.00 26.47 ? 9   G   A C6    1 
ATOM   194 O O6    . G   A 1 9 ? 10.017  -5.663  -5.153  1.00 27.06 ? 9   G   A O6    1 
ATOM   195 N N1    . G   A 1 9 ? 8.885   -7.059  -6.540  1.00 26.37 ? 9   G   A N1    1 
ATOM   196 C C2    . G   A 1 9 ? 8.364   -8.275  -6.893  1.00 26.46 ? 9   G   A C2    1 
ATOM   197 N N2    . G   A 1 9 ? 7.752   -8.341  -8.083  1.00 28.75 ? 9   G   A N2    1 
ATOM   198 N N3    . G   A 1 9 ? 8.446   -9.356  -6.142  1.00 27.54 ? 9   G   A N3    1 
ATOM   199 C C4    . G   A 1 9 ? 9.113   -9.122  -4.995  1.00 26.96 ? 9   G   A C4    1 
HETATM 200 N N1    . 5CM B 2 1 ? 8.123   -4.373  -10.791 1.00 30.18 ? 1   5CM B N1    1 
HETATM 201 C C2    . 5CM B 2 1 ? 8.191   -5.342  -9.792  1.00 29.54 ? 1   5CM B C2    1 
HETATM 202 N N3    . 5CM B 2 1 ? 8.747   -5.027  -8.598  1.00 29.35 ? 1   5CM B N3    1 
HETATM 203 C C4    . 5CM B 2 1 ? 9.227   -3.801  -8.391  1.00 31.31 ? 1   5CM B C4    1 
HETATM 204 C C5    . 5CM B 2 1 ? 9.160   -2.793  -9.386  1.00 31.00 ? 1   5CM B C5    1 
HETATM 205 C C5A   . 5CM B 2 1 ? 9.700   -1.432  -9.081  1.00 33.60 ? 1   5CM B C5A   1 
HETATM 206 C C6    . 5CM B 2 1 ? 8.607   -3.117  -10.563 1.00 31.08 ? 1   5CM B C6    1 
HETATM 207 O O2    . 5CM B 2 1 ? 7.739   -6.467  -10.025 1.00 27.41 ? 1   5CM B O2    1 
HETATM 208 N N4    . 5CM B 2 1 ? 9.788   -3.534  -7.207  1.00 31.73 ? 1   5CM B N4    1 
HETATM 209 C "C1'" . 5CM B 2 1 ? 7.524   -4.737  -12.088 1.00 30.34 ? 1   5CM B "C1'" 1 
HETATM 210 C "C2'" . 5CM B 2 1 ? 6.007   -4.875  -12.035 1.00 32.01 ? 1   5CM B "C2'" 1 
HETATM 211 C "C3'" . 5CM B 2 1 ? 5.557   -3.479  -12.408 1.00 33.61 ? 1   5CM B "C3'" 1 
HETATM 212 C "C4'" . 5CM B 2 1 ? 6.570   -3.106  -13.478 1.00 33.36 ? 1   5CM B "C4'" 1 
HETATM 213 O "O4'" . 5CM B 2 1 ? 7.809   -3.693  -13.016 1.00 31.38 ? 1   5CM B "O4'" 1 
HETATM 214 O "O3'" . 5CM B 2 1 ? 4.238   -3.477  -12.944 1.00 34.72 ? 1   5CM B "O3'" 1 
HETATM 215 C "C5'" . 5CM B 2 1 ? 6.743   -1.621  -13.678 1.00 36.99 ? 1   5CM B "C5'" 1 
HETATM 216 O "O5'" . 5CM B 2 1 ? 6.968   -0.977  -12.424 1.00 40.64 ? 1   5CM B "O5'" 1 
ATOM   217 P P     . DT  B 2 2 ? 2.979   -3.358  -11.958 1.00 35.34 ? 2   DT  B P     1 
ATOM   218 O OP1   . DT  B 2 2 ? 1.618   -3.324  -12.806 1.00 36.67 ? 2   DT  B OP1   1 
ATOM   219 O OP2   . DT  B 2 2 ? 3.230   -2.298  -10.766 1.00 34.16 ? 2   DT  B OP2   1 
ATOM   220 O "O5'" . DT  B 2 2 ? 2.954   -4.767  -11.135 1.00 32.73 ? 2   DT  B "O5'" 1 
ATOM   221 C "C5'" . DT  B 2 2 ? 2.698   -5.995  -11.808 1.00 31.12 ? 2   DT  B "C5'" 1 
ATOM   222 C "C4'" . DT  B 2 2 ? 2.781   -7.155  -10.843 1.00 29.84 ? 2   DT  B "C4'" 1 
ATOM   223 O "O4'" . DT  B 2 2 ? 4.122   -7.337  -10.339 1.00 27.59 ? 2   DT  B "O4'" 1 
ATOM   224 C "C3'" . DT  B 2 2 ? 1.936   -7.024  -9.587  1.00 31.31 ? 2   DT  B "C3'" 1 
ATOM   225 O "O3'" . DT  B 2 2 ? 0.571   -7.339  -9.849  1.00 35.25 ? 2   DT  B "O3'" 1 
ATOM   226 C "C2'" . DT  B 2 2 ? 2.574   -8.065  -8.695  1.00 28.64 ? 2   DT  B "C2'" 1 
ATOM   227 C "C1'" . DT  B 2 2 ? 4.051   -7.863  -9.009  1.00 26.94 ? 2   DT  B "C1'" 1 
ATOM   228 N N1    . DT  B 2 2 ? 4.697   -6.898  -8.105  1.00 25.15 ? 2   DT  B N1    1 
ATOM   229 C C2    . DT  B 2 2 ? 5.104   -7.347  -6.870  1.00 26.08 ? 2   DT  B C2    1 
ATOM   230 O O2    . DT  B 2 2 ? 4.911   -8.482  -6.475  1.00 27.51 ? 2   DT  B O2    1 
ATOM   231 N N3    . DT  B 2 2 ? 5.744   -6.408  -6.106  1.00 25.90 ? 2   DT  B N3    1 
ATOM   232 C C4    . DT  B 2 2 ? 5.996   -5.095  -6.437  1.00 24.33 ? 2   DT  B C4    1 
ATOM   233 O O4    . DT  B 2 2 ? 6.619   -4.381  -5.659  1.00 24.36 ? 2   DT  B O4    1 
ATOM   234 C C5    . DT  B 2 2 ? 5.496   -4.677  -7.728  1.00 24.05 ? 2   DT  B C5    1 
ATOM   235 C C7    . DT  B 2 2 ? 5.666   -3.252  -8.144  1.00 25.52 ? 2   DT  B C7    1 
ATOM   236 C C6    . DT  B 2 2 ? 4.889   -5.590  -8.492  1.00 24.26 ? 2   DT  B C6    1 
ATOM   237 P P     . DC  B 2 3 ? -0.579  -6.579  -9.030  1.00 37.00 ? 3   DC  B P     1 
ATOM   238 O OP1   . DC  B 2 3 ? -2.009  -6.931  -9.652  1.00 37.99 ? 3   DC  B OP1   1 
ATOM   239 O OP2   . DC  B 2 3 ? -0.172  -5.053  -8.722  1.00 36.88 ? 3   DC  B OP2   1 
ATOM   240 O "O5'" . DC  B 2 3 ? -0.532  -7.254  -7.534  1.00 36.83 ? 3   DC  B "O5'" 1 
ATOM   241 C "C5'" . DC  B 2 3 ? -0.713  -8.658  -7.361  1.00 35.79 ? 3   DC  B "C5'" 1 
ATOM   242 C "C4'" . DC  B 2 3 ? -0.216  -9.099  -6.003  1.00 35.87 ? 3   DC  B "C4'" 1 
ATOM   243 O "O4'" . DC  B 2 3 ? 1.203   -8.862  -5.876  1.00 36.21 ? 3   DC  B "O4'" 1 
ATOM   244 C "C3'" . DC  B 2 3 ? -0.815  -8.392  -4.795  1.00 35.74 ? 3   DC  B "C3'" 1 
ATOM   245 O "O3'" . DC  B 2 3 ? -2.073  -8.961  -4.432  1.00 37.48 ? 3   DC  B "O3'" 1 
ATOM   246 C "C2'" . DC  B 2 3 ? 0.217   -8.685  -3.725  1.00 35.70 ? 3   DC  B "C2'" 1 
ATOM   247 C "C1'" . DC  B 2 3 ? 1.522   -8.608  -4.507  1.00 34.05 ? 3   DC  B "C1'" 1 
ATOM   248 N N1    . DC  B 2 3 ? 2.152   -7.284  -4.416  1.00 32.51 ? 3   DC  B N1    1 
ATOM   249 C C2    . DC  B 2 3 ? 2.925   -7.001  -3.297  1.00 31.05 ? 3   DC  B C2    1 
ATOM   250 O O2    . DC  B 2 3 ? 3.054   -7.876  -2.426  1.00 32.09 ? 3   DC  B O2    1 
ATOM   251 N N3    . DC  B 2 3 ? 3.509   -5.791  -3.184  1.00 29.62 ? 3   DC  B N3    1 
ATOM   252 C C4    . DC  B 2 3 ? 3.336   -4.876  -4.137  1.00 29.06 ? 3   DC  B C4    1 
ATOM   253 N N4    . DC  B 2 3 ? 3.919   -3.694  -3.975  1.00 29.27 ? 3   DC  B N4    1 
ATOM   254 C C5    . DC  B 2 3 ? 2.552   -5.135  -5.296  1.00 28.17 ? 3   DC  B C5    1 
ATOM   255 C C6    . DC  B 2 3 ? 1.984   -6.344  -5.395  1.00 29.86 ? 3   DC  B C6    1 
ATOM   256 P P     . DT  B 2 4 ? -3.102  -8.105  -3.544  1.00 35.87 ? 4   DT  B P     1 
ATOM   257 O OP1   . DT  B 2 4 ? -4.484  -8.896  -3.403  1.00 38.64 ? 4   DT  B OP1   1 
ATOM   258 O OP2   . DT  B 2 4 ? -3.095  -6.552  -3.949  1.00 35.88 ? 4   DT  B OP2   1 
ATOM   259 O "O5'" . DT  B 2 4 ? -2.422  -8.035  -2.046  1.00 34.71 ? 4   DT  B "O5'" 1 
ATOM   260 C "C5'" . DT  B 2 4 ? -2.223  -9.215  -1.274  1.00 33.18 ? 4   DT  B "C5'" 1 
ATOM   261 C "C4'" . DT  B 2 4 ? -1.571  -8.878  0.046   1.00 33.09 ? 4   DT  B "C4'" 1 
ATOM   262 O "O4'" . DT  B 2 4 ? -0.218  -8.416  -0.136  1.00 32.93 ? 4   DT  B "O4'" 1 
ATOM   263 C "C3'" . DT  B 2 4 ? -2.239  -7.765  0.837   1.00 32.64 ? 4   DT  B "C3'" 1 
ATOM   264 O "O3'" . DT  B 2 4 ? -3.355  -8.270  1.551   1.00 31.63 ? 4   DT  B "O3'" 1 
ATOM   265 C "C2'" . DT  B 2 4 ? -1.132  -7.347  1.780   1.00 32.15 ? 4   DT  B "C2'" 1 
ATOM   266 C "C1'" . DT  B 2 4 ? 0.095   -7.460  0.880   1.00 31.67 ? 4   DT  B "C1'" 1 
ATOM   267 N N1    . DT  B 2 4 ? 0.417   -6.189  0.220   1.00 30.44 ? 4   DT  B N1    1 
ATOM   268 C C2    . DT  B 2 4 ? 1.163   -5.282  0.929   1.00 30.84 ? 4   DT  B C2    1 
ATOM   269 O O2    . DT  B 2 4 ? 1.536   -5.477  2.076   1.00 32.29 ? 4   DT  B O2    1 
ATOM   270 N N3    . DT  B 2 4 ? 1.448   -4.127  0.251   1.00 30.33 ? 4   DT  B N3    1 
ATOM   271 C C4    . DT  B 2 4 ? 1.053   -3.789  -1.029  1.00 29.75 ? 4   DT  B C4    1 
ATOM   272 O O4    . DT  B 2 4 ? 1.396   -2.721  -1.509  1.00 30.15 ? 4   DT  B O4    1 
ATOM   273 C C5    . DT  B 2 4 ? 0.245   -4.773  -1.704  1.00 31.05 ? 4   DT  B C5    1 
ATOM   274 C C7    . DT  B 2 4 ? -0.269  -4.469  -3.076  1.00 32.45 ? 4   DT  B C7    1 
ATOM   275 C C6    . DT  B 2 4 ? -0.018  -5.918  -1.059  1.00 29.36 ? 4   DT  B C6    1 
ATOM   276 P P     . DT  B 2 5 ? -4.550  -7.285  1.937   1.00 30.84 ? 5   DT  B P     1 
ATOM   277 O OP1   . DT  B 2 5 ? -5.761  -8.143  2.510   1.00 31.82 ? 5   DT  B OP1   1 
ATOM   278 O OP2   . DT  B 2 5 ? -4.800  -6.165  0.827   1.00 31.11 ? 5   DT  B OP2   1 
ATOM   279 O "O5'" . DT  B 2 5 ? -3.967  -6.430  3.192   1.00 28.83 ? 5   DT  B "O5'" 1 
ATOM   280 C "C5'" . DT  B 2 5 ? -3.742  -7.090  4.437   1.00 28.33 ? 5   DT  B "C5'" 1 
ATOM   281 C "C4'" . DT  B 2 5 ? -2.896  -6.242  5.353   1.00 28.97 ? 5   DT  B "C4'" 1 
ATOM   282 O "O4'" . DT  B 2 5 ? -1.625  -5.956  4.737   1.00 27.91 ? 5   DT  B "O4'" 1 
ATOM   283 C "C3'" . DT  B 2 5 ? -3.454  -4.875  5.718   1.00 28.49 ? 5   DT  B "C3'" 1 
ATOM   284 O "O3'" . DT  B 2 5 ? -4.403  -4.983  6.775   1.00 29.43 ? 5   DT  B "O3'" 1 
ATOM   285 C "C2'" . DT  B 2 5 ? -2.205  -4.170  6.193   1.00 27.90 ? 5   DT  B "C2'" 1 
ATOM   286 C "C1'" . DT  B 2 5 ? -1.157  -4.699  5.216   1.00 27.46 ? 5   DT  B "C1'" 1 
ATOM   287 N N1    . DT  B 2 5 ? -1.004  -3.810  4.063   1.00 27.40 ? 5   DT  B N1    1 
ATOM   288 C C2    . DT  B 2 5 ? -0.108  -2.789  4.192   1.00 26.87 ? 5   DT  B C2    1 
ATOM   289 O O2    . DT  B 2 5 ? 0.537   -2.606  5.209   1.00 27.66 ? 5   DT  B O2    1 
ATOM   290 N N3    . DT  B 2 5 ? 0.001   -1.982  3.093   1.00 26.08 ? 5   DT  B N3    1 
ATOM   291 C C4    . DT  B 2 5 ? -0.691  -2.091  1.908   1.00 26.11 ? 5   DT  B C4    1 
ATOM   292 O O4    . DT  B 2 5 ? -0.481  -1.289  1.006   1.00 27.04 ? 5   DT  B O4    1 
ATOM   293 C C5    . DT  B 2 5 ? -1.632  -3.181  1.844   1.00 27.10 ? 5   DT  B C5    1 
ATOM   294 C C7    . DT  B 2 5 ? -2.451  -3.360  0.606   1.00 28.92 ? 5   DT  B C7    1 
ATOM   295 C C6    . DT  B 2 5 ? -1.734  -3.986  2.911   1.00 27.40 ? 5   DT  B C6    1 
ATOM   296 P P     . DC  B 2 6 ? -5.537  -3.856  6.948   1.00 30.04 ? 6   DC  B P     1 
ATOM   297 O OP1   . DC  B 2 6 ? -6.672  -4.372  7.934   1.00 31.03 ? 6   DC  B OP1   1 
ATOM   298 O OP2   . DC  B 2 6 ? -5.927  -3.158  5.562   1.00 29.08 ? 6   DC  B OP2   1 
ATOM   299 O "O5'" . DC  B 2 6 ? -4.793  -2.625  7.698   1.00 29.01 ? 6   DC  B "O5'" 1 
ATOM   300 C "C5'" . DC  B 2 6 ? -4.332  -2.773  9.035   1.00 28.33 ? 6   DC  B "C5'" 1 
ATOM   301 C "C4'" . DC  B 2 6 ? -3.586  -1.533  9.457   1.00 28.37 ? 6   DC  B "C4'" 1 
ATOM   302 O "O4'" . DC  B 2 6 ? -2.404  -1.394  8.643   1.00 28.82 ? 6   DC  B "O4'" 1 
ATOM   303 C "C3'" . DC  B 2 6 ? -4.353  -0.244  9.223   1.00 28.23 ? 6   DC  B "C3'" 1 
ATOM   304 O "O3'" . DC  B 2 6 ? -5.222  0.023   10.317  1.00 29.70 ? 6   DC  B "O3'" 1 
ATOM   305 C "C2'" . DC  B 2 6 ? -3.235  0.771   9.142   1.00 28.79 ? 6   DC  B "C2'" 1 
ATOM   306 C "C1'" . DC  B 2 6 ? -2.150  -0.015  8.409   1.00 26.91 ? 6   DC  B "C1'" 1 
ATOM   307 N N1    . DC  B 2 6 ? -2.172  0.207   6.961   1.00 26.66 ? 6   DC  B N1    1 
ATOM   308 C C2    . DC  B 2 6 ? -1.596  1.372   6.469   1.00 26.59 ? 6   DC  B C2    1 
ATOM   309 O O2    . DC  B 2 6 ? -1.077  2.161   7.275   1.00 27.17 ? 6   DC  B O2    1 
ATOM   310 N N3    . DC  B 2 6 ? -1.617  1.612   5.142   1.00 26.03 ? 6   DC  B N3    1 
ATOM   311 C C4    . DC  B 2 6 ? -2.179  0.730   4.312   1.00 26.33 ? 6   DC  B C4    1 
ATOM   312 N N4    . DC  B 2 6 ? -2.172  1.012   3.007   1.00 25.83 ? 6   DC  B N4    1 
ATOM   313 C C5    . DC  B 2 6 ? -2.770  -0.477  4.787   1.00 25.18 ? 6   DC  B C5    1 
ATOM   314 C C6    . DC  B 2 6 ? -2.745  -0.697  6.109   1.00 26.23 ? 6   DC  B C6    1 
ATOM   315 P P     . DT  B 2 7 ? -6.654  0.686   10.043  1.00 29.85 ? 7   DT  B P     1 
ATOM   316 O OP1   . DT  B 2 7 ? -7.464  0.819   11.402  1.00 31.47 ? 7   DT  B OP1   1 
ATOM   317 O OP2   . DT  B 2 7 ? -7.361  0.122   8.725   1.00 29.42 ? 7   DT  B OP2   1 
ATOM   318 O "O5'" . DT  B 2 7 ? -6.315  2.202   9.590   1.00 29.36 ? 7   DT  B "O5'" 1 
ATOM   319 C "C5'" . DT  B 2 7 ? -5.720  3.100   10.515  1.00 28.17 ? 7   DT  B "C5'" 1 
ATOM   320 C "C4'" . DT  B 2 7 ? -5.210  4.321   9.793   1.00 26.92 ? 7   DT  B "C4'" 1 
ATOM   321 O "O4'" . DT  B 2 7 ? -4.248  3.916   8.800   1.00 26.37 ? 7   DT  B "O4'" 1 
ATOM   322 C "C3'" . DT  B 2 7 ? -6.261  5.087   9.007   1.00 27.01 ? 7   DT  B "C3'" 1 
ATOM   323 O "O3'" . DT  B 2 7 ? -6.925  6.003   9.873   1.00 29.06 ? 7   DT  B "O3'" 1 
ATOM   324 C "C2'" . DT  B 2 7 ? -5.406  5.828   8.003   1.00 25.92 ? 7   DT  B "C2'" 1 
ATOM   325 C "C1'" . DT  B 2 7 ? -4.300  4.820   7.703   1.00 25.89 ? 7   DT  B "C1'" 1 
ATOM   326 N N1    . DT  B 2 7 ? -4.578  4.047   6.488   1.00 24.75 ? 7   DT  B N1    1 
ATOM   327 C C2    . DT  B 2 7 ? -4.234  4.631   5.299   1.00 25.77 ? 7   DT  B C2    1 
ATOM   328 O O2    . DT  B 2 7 ? -3.720  5.731   5.231   1.00 25.72 ? 7   DT  B O2    1 
ATOM   329 N N3    . DT  B 2 7 ? -4.527  3.887   4.188   1.00 24.13 ? 7   DT  B N3    1 
ATOM   330 C C4    . DT  B 2 7 ? -5.133  2.648   4.151   1.00 25.50 ? 7   DT  B C4    1 
ATOM   331 O O4    . DT  B 2 7 ? -5.339  2.105   3.070   1.00 25.32 ? 7   DT  B O4    1 
ATOM   332 C C5    . DT  B 2 7 ? -5.478  2.092   5.439   1.00 24.32 ? 7   DT  B C5    1 
ATOM   333 C C7    . DT  B 2 7 ? -6.157  0.760   5.494   1.00 27.61 ? 7   DT  B C7    1 
ATOM   334 C C6    . DT  B 2 7 ? -5.175  2.806   6.534   1.00 26.13 ? 7   DT  B C6    1 
ATOM   335 P P     . DT  B 2 8 ? -8.409  6.497   9.528   1.00 31.57 ? 8   DT  B P     1 
ATOM   336 O OP1   . DT  B 2 8 ? -9.013  7.230   10.798  1.00 30.47 ? 8   DT  B OP1   1 
ATOM   337 O OP2   . DT  B 2 8 ? -9.278  5.414   8.725   1.00 29.59 ? 8   DT  B OP2   1 
ATOM   338 O "O5'" . DT  B 2 8 ? -8.215  7.648   8.396   1.00 29.02 ? 8   DT  B "O5'" 1 
ATOM   339 C "C5'" . DT  B 2 8 ? -7.541  8.862   8.709   1.00 28.96 ? 8   DT  B "C5'" 1 
ATOM   340 C "C4'" . DT  B 2 8 ? -7.186  9.603   7.444   1.00 28.16 ? 8   DT  B "C4'" 1 
ATOM   341 O "O4'" . DT  B 2 8 ? -6.350  8.772   6.612   1.00 29.62 ? 8   DT  B "O4'" 1 
ATOM   342 C "C3'" . DT  B 2 8 ? -8.363  9.978   6.556   1.00 28.45 ? 8   DT  B "C3'" 1 
ATOM   343 O "O3'" . DT  B 2 8 ? -8.878  11.245  6.952   1.00 29.58 ? 8   DT  B "O3'" 1 
ATOM   344 C "C2'" . DT  B 2 8 ? -7.718  10.090  5.191   1.00 27.64 ? 8   DT  B "C2'" 1 
ATOM   345 C "C1'" . DT  B 2 8 ? -6.616  9.046   5.241   1.00 27.55 ? 8   DT  B "C1'" 1 
ATOM   346 N N1    . DT  B 2 8 ? -6.984  7.785   4.586   1.00 25.13 ? 8   DT  B N1    1 
ATOM   347 C C2    . DT  B 2 8 ? -6.793  7.713   3.233   1.00 25.88 ? 8   DT  B C2    1 
ATOM   348 O O2    . DT  B 2 8 ? -6.363  8.648   2.580   1.00 26.75 ? 8   DT  B O2    1 
ATOM   349 N N3    . DT  B 2 8 ? -7.130  6.515   2.667   1.00 25.17 ? 8   DT  B N3    1 
ATOM   350 C C4    . DT  B 2 8 ? -7.636  5.406   3.308   1.00 25.13 ? 8   DT  B C4    1 
ATOM   351 O O4    . DT  B 2 8 ? -7.874  4.390   2.666   1.00 25.13 ? 8   DT  B O4    1 
ATOM   352 C C5    . DT  B 2 8 ? -7.835  5.555   4.734   1.00 21.35 ? 8   DT  B C5    1 
ATOM   353 C C7    . DT  B 2 8 ? -8.407  4.417   5.512   1.00 23.15 ? 8   DT  B C7    1 
ATOM   354 C C6    . DT  B 2 8 ? -7.495  6.723   5.296   1.00 25.25 ? 8   DT  B C6    1 
HETATM 355 N N1    . 5CM B 2 9 ? -9.604  10.169  1.347   1.00 25.40 ? 9   5CM B N1    1 
HETATM 356 C C2    . 5CM B 2 9 ? -9.610  9.346   0.225   1.00 25.03 ? 9   5CM B C2    1 
HETATM 357 N N3    . 5CM B 2 9 ? -9.939  8.049   0.362   1.00 25.12 ? 9   5CM B N3    1 
HETATM 358 C C4    . 5CM B 2 9 ? -10.277 7.571   1.556   1.00 25.20 ? 9   5CM B C4    1 
HETATM 359 C C5    . 5CM B 2 9 ? -10.311 8.393   2.714   1.00 23.17 ? 9   5CM B C5    1 
HETATM 360 C C5A   . 5CM B 2 9 ? -10.749 7.806   4.021   1.00 25.39 ? 9   5CM B C5A   1 
HETATM 361 C C6    . 5CM B 2 9 ? -9.958  9.673   2.569   1.00 24.58 ? 9   5CM B C6    1 
HETATM 362 O O2    . 5CM B 2 9 ? -9.314  9.831   -0.879  1.00 27.31 ? 9   5CM B O2    1 
HETATM 363 N N4    . 5CM B 2 9 ? -10.585 6.284   1.638   1.00 25.39 ? 9   5CM B N4    1 
HETATM 364 C "C1'" . 5CM B 2 9 ? -9.213  11.569  1.188   1.00 25.20 ? 9   5CM B "C1'" 1 
HETATM 365 C "C2'" . 5CM B 2 9 ? -10.379 12.487  0.827   1.00 25.07 ? 9   5CM B "C2'" 1 
HETATM 366 C "C3'" . 5CM B 2 9 ? -10.798 13.027  2.177   1.00 26.08 ? 9   5CM B "C3'" 1 
HETATM 367 C "C4'" . 5CM B 2 9 ? -9.465  13.151  2.893   1.00 26.24 ? 9   5CM B "C4'" 1 
HETATM 368 O "O4'" . 5CM B 2 9 ? -8.700  12.015  2.437   1.00 26.30 ? 9   5CM B "O4'" 1 
HETATM 369 O "O3'" . 5CM B 2 9 ? -11.416 14.304  2.090   1.00 26.99 ? 9   5CM B "O3'" 1 
HETATM 370 C "C5'" . 5CM B 2 9 ? -9.538  13.160  4.402   1.00 25.80 ? 9   5CM B "C5'" 1 
HETATM 371 O "O5'" . 5CM B 2 9 ? -10.201 11.993  4.872   1.00 27.60 ? 9   5CM B "O5'" 1 
HETATM 372 P P     . 5CM B 2 9 ? -10.340 11.694  6.472   1.00 29.20 ? 9   5CM B P     1 
HETATM 373 O OP1   . 5CM B 2 9 ? -10.712 13.085  7.149   1.00 30.14 ? 9   5CM B OP1   1 
HETATM 374 O OP2   . 5CM B 2 9 ? -11.381 10.475  6.486   1.00 27.46 ? 9   5CM B OP2   1 
HETATM 375 O O     . HOH C 3 . ? 12.153  -15.653 -3.005  1.00 49.50 ? 101 HOH A O     1 
HETATM 376 O O     . HOH C 3 . ? 5.152   -8.619  3.991   1.00 50.05 ? 102 HOH A O     1 
HETATM 377 O O     . HOH C 3 . ? -3.448  4.823   -10.336 1.00 56.10 ? 103 HOH A O     1 
HETATM 378 O O     . HOH C 3 . ? -10.142 8.186   -6.941  1.00 40.47 ? 104 HOH A O     1 
HETATM 379 O O     . HOH C 3 . ? 5.431   2.622   8.653   1.00 40.79 ? 105 HOH A O     1 
HETATM 380 O O     . HOH C 3 . ? 5.173   -11.568 -1.891  1.00 38.40 ? 106 HOH A O     1 
HETATM 381 O O     . HOH C 3 . ? 6.668   -13.791 -1.143  1.00 40.38 ? 107 HOH A O     1 
HETATM 382 O O     . HOH C 3 . ? -0.154  6.280   -1.541  1.00 31.99 ? 108 HOH A O     1 
HETATM 383 O O     . HOH C 3 . ? -1.381  13.353  -1.392  1.00 51.26 ? 109 HOH A O     1 
HETATM 384 O O     . HOH C 3 . ? 9.265   -14.284 2.157   1.00 49.95 ? 110 HOH A O     1 
HETATM 385 O O     . HOH C 3 . ? 3.274   1.918   7.615   1.00 39.81 ? 111 HOH A O     1 
HETATM 386 O O     . HOH C 3 . ? -6.717  10.415  -3.207  1.00 35.40 ? 112 HOH A O     1 
HETATM 387 O O     . HOH C 3 . ? -10.923 2.125   0.130   1.00 43.69 ? 113 HOH A O     1 
HETATM 388 O O     . HOH C 3 . ? 14.379  -9.521  4.187   1.00 50.79 ? 114 HOH A O     1 
HETATM 389 O O     . HOH C 3 . ? 11.272  -5.270  -2.354  1.00 41.10 ? 115 HOH A O     1 
HETATM 390 O O     . HOH C 3 . ? 12.673  -6.791  -0.512  1.00 58.15 ? 116 HOH A O     1 
HETATM 391 O O     . HOH C 3 . ? 14.567  -8.239  2.074   1.00 47.30 ? 117 HOH A O     1 
HETATM 392 O O     . HOH C 3 . ? 13.929  -15.471 -0.692  1.00 52.83 ? 118 HOH A O     1 
HETATM 393 O O     . HOH C 3 . ? 12.473  -3.507  -4.113  1.00 45.11 ? 119 HOH A O     1 
HETATM 394 O O     . HOH C 3 . ? -3.214  13.827  -1.952  1.00 75.23 ? 120 HOH A O     1 
HETATM 395 O O     . HOH C 3 . ? 8.843   8.896   4.885   1.00 61.53 ? 121 HOH A O     1 
HETATM 396 O O     . HOH C 3 . ? -13.640 0.759   -3.249  1.00 54.49 ? 122 HOH A O     1 
HETATM 397 O O     . HOH C 3 . ? 13.903  -5.151  6.544   1.00 59.98 ? 123 HOH A O     1 
HETATM 398 O O     . HOH C 3 . ? -0.644  13.559  -5.208  1.00 67.72 ? 124 HOH A O     1 
HETATM 399 O O     . HOH C 3 . ? -7.543  1.518   -1.032  1.00 41.03 ? 125 HOH A O     1 
HETATM 400 O O     . HOH C 3 . ? -7.034  1.737   -4.220  1.00 49.76 ? 126 HOH A O     1 
HETATM 401 O O     . HOH C 3 . ? -3.894  2.174   -1.877  1.00 48.92 ? 127 HOH A O     1 
HETATM 402 O O     . HOH C 3 . ? -0.675  3.179   -0.512  1.00 30.71 ? 128 HOH A O     1 
HETATM 403 O O     . HOH C 3 . ? 6.459   -0.960  -2.799  1.00 44.74 ? 129 HOH A O     1 
HETATM 404 O O     . HOH C 3 . ? 2.136   3.738   -1.093  1.00 50.29 ? 130 HOH A O     1 
HETATM 405 O O     . HOH C 3 . ? 0.934   5.582   -9.541  1.00 53.54 ? 131 HOH A O     1 
HETATM 406 O O     . HOH C 3 . ? -4.340  2.406   -5.976  1.00 50.08 ? 132 HOH A O     1 
HETATM 407 O O     . HOH C 3 . ? 4.794   2.735   -0.418  1.00 50.40 ? 133 HOH A O     1 
HETATM 408 O O     . HOH C 3 . ? 12.017  1.724   1.824   1.00 57.83 ? 134 HOH A O     1 
HETATM 409 O O     . HOH C 3 . ? 14.036  4.577   2.326   1.00 70.05 ? 135 HOH A O     1 
HETATM 410 O O     . HOH C 3 . ? 11.842  1.916   5.540   1.00 52.25 ? 136 HOH A O     1 
HETATM 411 O O     . HOH C 3 . ? 12.471  -1.836  8.319   1.00 71.21 ? 137 HOH A O     1 
HETATM 412 O O     . HOH C 3 . ? 9.780   0.589   9.198   1.00 63.24 ? 138 HOH A O     1 
HETATM 413 O O     . HOH C 3 . ? 15.414  1.090   1.604   1.00 66.89 ? 139 HOH A O     1 
HETATM 414 O O     . HOH C 3 . ? 11.061  -5.833  8.484   1.00 61.31 ? 140 HOH A O     1 
HETATM 415 O O     . HOH C 3 . ? 16.365  3.081   -2.768  1.00 60.84 ? 141 HOH A O     1 
HETATM 416 O O     . HOH C 3 . ? 2.007   7.444   -4.689  1.00 62.54 ? 142 HOH A O     1 
HETATM 417 O O     . HOH C 3 . ? 8.318   1.695   1.016   1.00 75.37 ? 143 HOH A O     1 
HETATM 418 O O     . HOH C 3 . ? -0.746  4.239   -3.364  1.00 61.19 ? 144 HOH A O     1 
HETATM 419 O O     . HOH C 3 . ? 16.730  5.442   -4.689  1.00 70.65 ? 145 HOH A O     1 
HETATM 420 O O     . HOH D 3 . ? -8.376  -2.274  8.998   1.00 51.76 ? 101 HOH B O     1 
HETATM 421 O O     . HOH D 3 . ? -12.529 15.002  6.661   1.00 34.19 ? 102 HOH B O     1 
HETATM 422 O O     . HOH D 3 . ? -11.338 5.728   7.027   1.00 46.96 ? 103 HOH B O     1 
HETATM 423 O O     . HOH D 3 . ? 0.998   2.216   9.016   1.00 46.67 ? 104 HOH B O     1 
HETATM 424 O O     . HOH D 3 . ? 1.106   -4.429  -15.272 1.00 65.71 ? 105 HOH B O     1 
HETATM 425 O O     . HOH D 3 . ? -12.329 15.762  4.254   1.00 39.85 ? 106 HOH B O     1 
HETATM 426 O O     . HOH D 3 . ? 3.443   -6.217  3.986   1.00 42.67 ? 107 HOH B O     1 
HETATM 427 O O     . HOH D 3 . ? 0.018   -1.063  -13.344 1.00 45.89 ? 108 HOH B O     1 
HETATM 428 O O     . HOH D 3 . ? -12.544 7.987   7.196   1.00 44.75 ? 109 HOH B O     1 
HETATM 429 O O     . HOH D 3 . ? -11.628 4.471   3.597   1.00 35.40 ? 110 HOH B O     1 
HETATM 430 O O     . HOH D 3 . ? -6.658  -10.273 0.612   1.00 56.27 ? 111 HOH B O     1 
HETATM 431 O O     . HOH D 3 . ? -5.423  1.036   13.680  1.00 32.87 ? 112 HOH B O     1 
HETATM 432 O O     . HOH D 3 . ? 12.345  -1.927  -6.293  1.00 48.58 ? 113 HOH B O     1 
HETATM 433 O O     . HOH D 3 . ? -9.891  12.023  -3.095  1.00 36.91 ? 114 HOH B O     1 
HETATM 434 O O     . HOH D 3 . ? -5.010  -11.295 2.744   1.00 53.70 ? 115 HOH B O     1 
HETATM 435 O O     . HOH D 3 . ? -10.065 11.994  10.722  1.00 64.05 ? 116 HOH B O     1 
HETATM 436 O O     . HOH D 3 . ? -2.336  -3.617  -14.265 1.00 71.96 ? 117 HOH B O     1 
HETATM 437 O O     . HOH D 3 . ? -10.336 2.849   9.370   1.00 45.72 ? 118 HOH B O     1 
HETATM 438 O O     . HOH D 3 . ? -9.712  2.045   11.782  1.00 52.21 ? 119 HOH B O     1 
HETATM 439 O O     . HOH D 3 . ? -10.995 0.186   11.554  1.00 56.30 ? 120 HOH B O     1 
HETATM 440 O O     . HOH D 3 . ? -4.364  -0.455  1.965   1.00 36.53 ? 121 HOH B O     1 
HETATM 441 O O     . HOH D 3 . ? -5.023  -2.690  3.230   1.00 35.43 ? 122 HOH B O     1 
HETATM 442 O O     . HOH D 3 . ? -1.366  -0.172  -1.232  1.00 38.65 ? 123 HOH B O     1 
HETATM 443 O O     . HOH D 3 . ? -4.221  -5.181  -1.698  1.00 40.45 ? 124 HOH B O     1 
HETATM 444 O O     . HOH D 3 . ? -3.530  -5.440  -6.256  1.00 65.14 ? 125 HOH B O     1 
HETATM 445 O O     . HOH D 3 . ? 1.826   -3.131  -8.546  1.00 35.66 ? 126 HOH B O     1 
HETATM 446 O O     . HOH D 3 . ? 0.414   0.047   -10.722 1.00 69.52 ? 127 HOH B O     1 
HETATM 447 O O     . HOH D 3 . ? 7.261   -1.949  -5.319  1.00 33.54 ? 128 HOH B O     1 
HETATM 448 O O     . HOH D 3 . ? 4.197   -0.727  -10.850 1.00 45.75 ? 129 HOH B O     1 
HETATM 449 O O     . HOH D 3 . ? -9.646  2.268   2.958   1.00 41.00 ? 130 HOH B O     1 
HETATM 450 O O     . HOH D 3 . ? -10.224 0.623   5.231   1.00 55.22 ? 131 HOH B O     1 
HETATM 451 O O     . HOH D 3 . ? -9.665  1.186   7.870   1.00 45.03 ? 132 HOH B O     1 
HETATM 452 O O     . HOH D 3 . ? -6.267  -4.186  1.428   1.00 44.65 ? 133 HOH B O     1 
HETATM 453 O O     . HOH D 3 . ? -8.492  -4.884  2.777   1.00 47.43 ? 134 HOH B O     1 
HETATM 454 O O     . HOH D 3 . ? -7.432  -8.034  -1.769  1.00 59.87 ? 135 HOH B O     1 
HETATM 455 O O     . HOH D 3 . ? -8.736  -6.048  -1.165  1.00 58.89 ? 136 HOH B O     1 
HETATM 456 O O     . HOH D 3 . ? 0.845   -1.321  -4.270  1.00 47.27 ? 137 HOH B O     1 
HETATM 457 O O     . HOH D 3 . ? 3.250   -1.332  -6.154  1.00 48.10 ? 138 HOH B O     1 
HETATM 458 O O     . HOH D 3 . ? 2.293   2.372   -9.875  1.00 60.85 ? 139 HOH B O     1 
HETATM 459 O O     . HOH D 3 . ? -8.433  -2.350  4.826   1.00 55.78 ? 140 HOH B O     1 
HETATM 460 O O     . HOH D 3 . ? -11.739 -6.723  4.904   1.00 65.39 ? 141 HOH B O     1 
HETATM 461 O O     . HOH D 3 . ? -12.973 -7.464  -0.056  1.00 63.44 ? 142 HOH B O     1 
HETATM 462 O O     . HOH D 3 . ? -11.595 -7.977  -2.117  1.00 72.11 ? 143 HOH B O     1 
HETATM 463 O O     . HOH D 3 . ? -8.398  -13.168 -2.021  1.00 55.77 ? 144 HOH B O     1 
HETATM 464 O O     . HOH D 3 . ? -9.531  -18.789 -4.621  1.00 57.93 ? 145 HOH B O     1 
HETATM 465 O O     . HOH D 3 . ? 13.632  2.024   -3.794  1.00 53.68 ? 146 HOH B O     1 
HETATM 466 O O     . HOH D 3 . ? -10.839 2.217   16.402  1.00 55.65 ? 147 HOH B O     1 
HETATM 467 O O     . HOH D 3 . ? -12.524 8.911   16.100  1.00 62.51 ? 148 HOH B O     1 
HETATM 468 O O     . HOH D 3 . ? -1.321  -3.145  -11.281 1.00 64.02 ? 149 HOH B O     1 
HETATM 469 O O     . HOH D 3 . ? 6.699   -0.090  -9.963  1.00 54.12 ? 150 HOH B O     1 
HETATM 470 O O     . HOH D 3 . ? -10.553 -7.485  -4.240  1.00 63.20 ? 151 HOH B O     1 
HETATM 471 O O     . HOH D 3 . ? -10.809 -10.370 -1.316  1.00 82.75 ? 152 HOH B O     1 
# 
loop_
_pdbx_poly_seq_scheme.asym_id 
_pdbx_poly_seq_scheme.entity_id 
_pdbx_poly_seq_scheme.seq_id 
_pdbx_poly_seq_scheme.mon_id 
_pdbx_poly_seq_scheme.ndb_seq_num 
_pdbx_poly_seq_scheme.pdb_seq_num 
_pdbx_poly_seq_scheme.auth_seq_num 
_pdbx_poly_seq_scheme.pdb_mon_id 
_pdbx_poly_seq_scheme.auth_mon_id 
_pdbx_poly_seq_scheme.pdb_strand_id 
_pdbx_poly_seq_scheme.pdb_ins_code 
_pdbx_poly_seq_scheme.hetero 
A 1 1 G   1 1 1 G   G   A . n 
A 1 2 A   2 2 2 A   A   A . n 
A 1 3 A   3 3 3 A   A   A . n 
A 1 4 G   4 4 4 G   G   A . n 
A 1 5 A   5 5 5 A   A   A . n 
A 1 6 A   6 6 6 A   A   A . n 
A 1 7 G   7 7 7 G   G   A . n 
A 1 8 A   8 8 8 A   A   A . n 
A 1 9 G   9 9 9 G   G   A . n 
B 2 1 5CM 1 1 1 5CM ZZZ B . n 
B 2 2 DT  2 2 2 DT  DT  B . n 
B 2 3 DC  3 3 3 DC  DC  B . n 
B 2 4 DT  4 4 4 DT  DT  B . n 
B 2 5 DT  5 5 5 DT  DT  B . n 
B 2 6 DC  6 6 6 DC  DC  B . n 
B 2 7 DT  7 7 7 DT  DT  B . n 
B 2 8 DT  8 8 8 DT  DT  B . n 
B 2 9 5CM 9 9 9 5CM ZZZ B . n 
# 
loop_
_pdbx_nonpoly_scheme.asym_id 
_pdbx_nonpoly_scheme.entity_id 
_pdbx_nonpoly_scheme.mon_id 
_pdbx_nonpoly_scheme.ndb_seq_num 
_pdbx_nonpoly_scheme.pdb_seq_num 
_pdbx_nonpoly_scheme.auth_seq_num 
_pdbx_nonpoly_scheme.pdb_mon_id 
_pdbx_nonpoly_scheme.auth_mon_id 
_pdbx_nonpoly_scheme.pdb_strand_id 
_pdbx_nonpoly_scheme.pdb_ins_code 
C 3 HOH 1  101 194 HOH HOH A . 
C 3 HOH 2  102 128 HOH HOH A . 
C 3 HOH 3  103 158 HOH HOH A . 
C 3 HOH 4  104 127 HOH HOH A . 
C 3 HOH 5  105 130 HOH HOH A . 
C 3 HOH 6  106 153 HOH HOH A . 
C 3 HOH 7  107 126 HOH HOH A . 
C 3 HOH 8  108 114 HOH HOH A . 
C 3 HOH 9  109 142 HOH HOH A . 
C 3 HOH 10 110 151 HOH HOH A . 
C 3 HOH 11 111 152 HOH HOH A . 
C 3 HOH 12 112 139 HOH HOH A . 
C 3 HOH 13 113 101 HOH HOH A . 
C 3 HOH 14 114 179 HOH HOH A . 
C 3 HOH 15 115 123 HOH HOH A . 
C 3 HOH 16 116 124 HOH HOH A . 
C 3 HOH 17 117 180 HOH HOH A . 
C 3 HOH 18 118 140 HOH HOH A . 
C 3 HOH 19 119 125 HOH HOH A . 
C 3 HOH 20 120 143 HOH HOH A . 
C 3 HOH 21 121 175 HOH HOH A . 
C 3 HOH 22 122 189 HOH HOH A . 
C 3 HOH 23 123 178 HOH HOH A . 
C 3 HOH 24 124 141 HOH HOH A . 
C 3 HOH 25 125 108 HOH HOH A . 
C 3 HOH 26 126 109 HOH HOH A . 
C 3 HOH 27 127 110 HOH HOH A . 
C 3 HOH 28 128 113 HOH HOH A . 
C 3 HOH 29 129 154 HOH HOH A . 
C 3 HOH 30 130 155 HOH HOH A . 
C 3 HOH 31 131 159 HOH HOH A . 
C 3 HOH 32 132 161 HOH HOH A . 
C 3 HOH 33 133 168 HOH HOH A . 
C 3 HOH 34 134 170 HOH HOH A . 
C 3 HOH 35 135 171 HOH HOH A . 
C 3 HOH 36 136 172 HOH HOH A . 
C 3 HOH 37 137 173 HOH HOH A . 
C 3 HOH 38 138 174 HOH HOH A . 
C 3 HOH 39 139 176 HOH HOH A . 
C 3 HOH 40 140 177 HOH HOH A . 
C 3 HOH 41 141 187 HOH HOH A . 
C 3 HOH 42 142 188 HOH HOH A . 
C 3 HOH 43 143 191 HOH HOH A . 
C 3 HOH 44 144 192 HOH HOH A . 
C 3 HOH 45 145 197 HOH HOH A . 
D 3 HOH 1  101 146 HOH HOH B . 
D 3 HOH 2  102 133 HOH HOH B . 
D 3 HOH 3  103 104 HOH HOH B . 
D 3 HOH 4  104 131 HOH HOH B . 
D 3 HOH 5  105 186 HOH HOH B . 
D 3 HOH 6  106 132 HOH HOH B . 
D 3 HOH 7  107 129 HOH HOH B . 
D 3 HOH 8  108 120 HOH HOH B . 
D 3 HOH 9  109 103 HOH HOH B . 
D 3 HOH 10 110 102 HOH HOH B . 
D 3 HOH 11 111 147 HOH HOH B . 
D 3 HOH 12 112 134 HOH HOH B . 
D 3 HOH 13 113 150 HOH HOH B . 
D 3 HOH 14 114 135 HOH HOH B . 
D 3 HOH 15 115 190 HOH HOH B . 
D 3 HOH 16 116 181 HOH HOH B . 
D 3 HOH 17 117 185 HOH HOH B . 
D 3 HOH 18 118 105 HOH HOH B . 
D 3 HOH 19 119 106 HOH HOH B . 
D 3 HOH 20 120 107 HOH HOH B . 
D 3 HOH 21 121 111 HOH HOH B . 
D 3 HOH 22 122 112 HOH HOH B . 
D 3 HOH 23 123 115 HOH HOH B . 
D 3 HOH 24 124 116 HOH HOH B . 
D 3 HOH 25 125 117 HOH HOH B . 
D 3 HOH 26 126 118 HOH HOH B . 
D 3 HOH 27 127 119 HOH HOH B . 
D 3 HOH 28 128 121 HOH HOH B . 
D 3 HOH 29 129 122 HOH HOH B . 
D 3 HOH 30 130 136 HOH HOH B . 
D 3 HOH 31 131 137 HOH HOH B . 
D 3 HOH 32 132 138 HOH HOH B . 
D 3 HOH 33 133 144 HOH HOH B . 
D 3 HOH 34 134 145 HOH HOH B . 
D 3 HOH 35 135 148 HOH HOH B . 
D 3 HOH 36 136 149 HOH HOH B . 
D 3 HOH 37 137 156 HOH HOH B . 
D 3 HOH 38 138 157 HOH HOH B . 
D 3 HOH 39 139 160 HOH HOH B . 
D 3 HOH 40 140 162 HOH HOH B . 
D 3 HOH 41 141 163 HOH HOH B . 
D 3 HOH 42 142 164 HOH HOH B . 
D 3 HOH 43 143 165 HOH HOH B . 
D 3 HOH 44 144 166 HOH HOH B . 
D 3 HOH 45 145 167 HOH HOH B . 
D 3 HOH 46 146 169 HOH HOH B . 
D 3 HOH 47 147 182 HOH HOH B . 
D 3 HOH 48 148 183 HOH HOH B . 
D 3 HOH 49 149 184 HOH HOH B . 
D 3 HOH 50 150 193 HOH HOH B . 
D 3 HOH 51 151 195 HOH HOH B . 
D 3 HOH 52 152 196 HOH HOH B . 
# 
_pdbx_struct_assembly.id                   1 
_pdbx_struct_assembly.details              author_and_software_defined_assembly 
_pdbx_struct_assembly.method_details       PISA 
_pdbx_struct_assembly.oligomeric_details   dimeric 
_pdbx_struct_assembly.oligomeric_count     2 
# 
_pdbx_struct_assembly_gen.assembly_id       1 
_pdbx_struct_assembly_gen.oper_expression   1 
_pdbx_struct_assembly_gen.asym_id_list      A,B,C,D 
# 
loop_
_pdbx_struct_assembly_prop.biol_id 
_pdbx_struct_assembly_prop.type 
_pdbx_struct_assembly_prop.value 
_pdbx_struct_assembly_prop.details 
1 'ABSA (A^2)' 1400 ? 
1 MORE         1    ? 
1 'SSA (A^2)'  3360 ? 
# 
_pdbx_struct_oper_list.id                   1 
_pdbx_struct_oper_list.type                 'identity operation' 
_pdbx_struct_oper_list.name                 1_555 
_pdbx_struct_oper_list.symmetry_operation   x,y,z 
_pdbx_struct_oper_list.matrix[1][1]         1.0000000000 
_pdbx_struct_oper_list.matrix[1][2]         0.0000000000 
_pdbx_struct_oper_list.matrix[1][3]         0.0000000000 
_pdbx_struct_oper_list.vector[1]            0.0000000000 
_pdbx_struct_oper_list.matrix[2][1]         0.0000000000 
_pdbx_struct_oper_list.matrix[2][2]         1.0000000000 
_pdbx_struct_oper_list.matrix[2][3]         0.0000000000 
_pdbx_struct_oper_list.vector[2]            0.0000000000 
_pdbx_struct_oper_list.matrix[3][1]         0.0000000000 
_pdbx_struct_oper_list.matrix[3][2]         0.0000000000 
_pdbx_struct_oper_list.matrix[3][3]         1.0000000000 
_pdbx_struct_oper_list.vector[3]            0.0000000000 
# 
loop_
_pdbx_audit_revision_history.ordinal 
_pdbx_audit_revision_history.data_content_type 
_pdbx_audit_revision_history.major_revision 
_pdbx_audit_revision_history.minor_revision 
_pdbx_audit_revision_history.revision_date 
1 'Structure model' 1 0 2015-08-19 
2 'Structure model' 1 1 2020-01-29 
3 'Structure model' 1 2 2022-07-06 
4 'Structure model' 1 3 2023-11-08 
# 
_pdbx_audit_revision_details.ordinal             1 
_pdbx_audit_revision_details.revision_ordinal    1 
_pdbx_audit_revision_details.data_content_type   'Structure model' 
_pdbx_audit_revision_details.provider            repository 
_pdbx_audit_revision_details.type                'Initial release' 
_pdbx_audit_revision_details.description         ? 
_pdbx_audit_revision_details.details             ? 
# 
loop_
_pdbx_audit_revision_group.ordinal 
_pdbx_audit_revision_group.revision_ordinal 
_pdbx_audit_revision_group.data_content_type 
_pdbx_audit_revision_group.group 
1 2 'Structure model' 'Data collection'        
2 2 'Structure model' 'Derived calculations'   
3 2 'Structure model' 'Refinement description' 
4 3 'Structure model' 'Database references'    
5 4 'Structure model' 'Data collection'        
6 4 'Structure model' 'Refinement description' 
# 
loop_
_pdbx_audit_revision_category.ordinal 
_pdbx_audit_revision_category.revision_ordinal 
_pdbx_audit_revision_category.data_content_type 
_pdbx_audit_revision_category.category 
1 2 'Structure model' computing                     
2 2 'Structure model' diffrn_source                 
3 2 'Structure model' pdbx_struct_oper_list         
4 2 'Structure model' software                      
5 3 'Structure model' citation                      
6 3 'Structure model' database_2                    
7 4 'Structure model' chem_comp_atom                
8 4 'Structure model' chem_comp_bond                
9 4 'Structure model' pdbx_initial_refinement_model 
# 
loop_
_pdbx_audit_revision_item.ordinal 
_pdbx_audit_revision_item.revision_ordinal 
_pdbx_audit_revision_item.data_content_type 
_pdbx_audit_revision_item.item 
1  2 'Structure model' '_computing.pdbx_data_reduction_ds'         
2  2 'Structure model' '_diffrn_source.pdbx_synchrotron_site'      
3  2 'Structure model' '_pdbx_struct_oper_list.symmetry_operation' 
4  2 'Structure model' '_software.name'                            
5  3 'Structure model' '_citation.country'                         
6  3 'Structure model' '_citation.journal_abbrev'                  
7  3 'Structure model' '_citation.journal_id_CSD'                  
8  3 'Structure model' '_citation.journal_id_ISSN'                 
9  3 'Structure model' '_citation.journal_volume'                  
10 3 'Structure model' '_citation.page_first'                      
11 3 'Structure model' '_citation.page_last'                       
12 3 'Structure model' '_citation.pdbx_database_id_DOI'            
13 3 'Structure model' '_citation.pdbx_database_id_PubMed'         
14 3 'Structure model' '_citation.title'                           
15 3 'Structure model' '_citation.year'                            
16 3 'Structure model' '_database_2.pdbx_DOI'                      
17 3 'Structure model' '_database_2.pdbx_database_accession'       
# 
_phasing.method   MR 
# 
loop_
_software.citation_id 
_software.classification 
_software.compiler_name 
_software.compiler_version 
_software.contact_author 
_software.contact_author_email 
_software.date 
_software.description 
_software.dependencies 
_software.hardware 
_software.language 
_software.location 
_software.mods 
_software.name 
_software.os 
_software.os_version 
_software.type 
_software.version 
_software.pdbx_ordinal 
? 'data reduction'  ? ? ? ? ? ? ? ? ? ? ? CrystalClear ? ? ? . 1 
? phasing           ? ? ? ? ? ? ? ? ? ? ? PHENIX       ? ? ? . 2 
? refinement        ? ? ? ? ? ? ? ? ? ? ? CNS          ? ? ? . 3 
? 'data extraction' ? ? ? ? ? ? ? ? ? ? ? PDB_EXTRACT  ? ? ? . 4 
? 'model building'  ? ? ? ? ? ? ? ? ? ? ? PHASER       ? ? ? . 5 
? 'data scaling'    ? ? ? ? ? ? ? ? ? ? ? d*TREK       ? ? ? . 6 
? phasing           ? ? ? ? ? ? ? ? ? ? ? PHASER       ? ? ? . 7 
# 
loop_
_pdbx_validate_close_contact.id 
_pdbx_validate_close_contact.PDB_model_num 
_pdbx_validate_close_contact.auth_atom_id_1 
_pdbx_validate_close_contact.auth_asym_id_1 
_pdbx_validate_close_contact.auth_comp_id_1 
_pdbx_validate_close_contact.auth_seq_id_1 
_pdbx_validate_close_contact.PDB_ins_code_1 
_pdbx_validate_close_contact.label_alt_id_1 
_pdbx_validate_close_contact.auth_atom_id_2 
_pdbx_validate_close_contact.auth_asym_id_2 
_pdbx_validate_close_contact.auth_comp_id_2 
_pdbx_validate_close_contact.auth_seq_id_2 
_pdbx_validate_close_contact.PDB_ins_code_2 
_pdbx_validate_close_contact.label_alt_id_2 
_pdbx_validate_close_contact.dist 
1 1 OP2 B DT  2   ? ? O B HOH 129 ? ? 1.85 
2 1 O   A HOH 109 ? ? O A HOH 120 ? ? 1.97 
# 
loop_
_pdbx_validate_rmsd_bond.id 
_pdbx_validate_rmsd_bond.PDB_model_num 
_pdbx_validate_rmsd_bond.auth_atom_id_1 
_pdbx_validate_rmsd_bond.auth_asym_id_1 
_pdbx_validate_rmsd_bond.auth_comp_id_1 
_pdbx_validate_rmsd_bond.auth_seq_id_1 
_pdbx_validate_rmsd_bond.PDB_ins_code_1 
_pdbx_validate_rmsd_bond.label_alt_id_1 
_pdbx_validate_rmsd_bond.auth_atom_id_2 
_pdbx_validate_rmsd_bond.auth_asym_id_2 
_pdbx_validate_rmsd_bond.auth_comp_id_2 
_pdbx_validate_rmsd_bond.auth_seq_id_2 
_pdbx_validate_rmsd_bond.PDB_ins_code_2 
_pdbx_validate_rmsd_bond.label_alt_id_2 
_pdbx_validate_rmsd_bond.bond_value 
_pdbx_validate_rmsd_bond.bond_target_value 
_pdbx_validate_rmsd_bond.bond_deviation 
_pdbx_validate_rmsd_bond.bond_standard_deviation 
_pdbx_validate_rmsd_bond.linker_flag 
1  1 P A A  2 ? ? OP1 A A  2 ? ? 1.596 1.485 0.111 0.017 N 
2  1 P A A  2 ? ? OP2 A A  2 ? ? 1.601 1.485 0.116 0.017 N 
3  1 P A A  3 ? ? OP1 A A  3 ? ? 1.591 1.485 0.106 0.017 N 
4  1 P A A  3 ? ? OP2 A A  3 ? ? 1.606 1.485 0.121 0.017 N 
5  1 P A G  4 ? ? OP1 A G  4 ? ? 1.601 1.485 0.116 0.017 N 
6  1 P A G  4 ? ? OP2 A G  4 ? ? 1.607 1.485 0.122 0.017 N 
7  1 P A A  5 ? ? OP1 A A  5 ? ? 1.603 1.485 0.118 0.017 N 
8  1 P A A  5 ? ? OP2 A A  5 ? ? 1.611 1.485 0.126 0.017 N 
9  1 P A A  6 ? ? OP1 A A  6 ? ? 1.600 1.485 0.115 0.017 N 
10 1 P A A  6 ? ? OP2 A A  6 ? ? 1.609 1.485 0.124 0.017 N 
11 1 P A G  7 ? ? OP1 A G  7 ? ? 1.601 1.485 0.116 0.017 N 
12 1 P A G  7 ? ? OP2 A G  7 ? ? 1.603 1.485 0.118 0.017 N 
13 1 P A A  8 ? ? OP1 A A  8 ? ? 1.598 1.485 0.113 0.017 N 
14 1 P A A  8 ? ? OP2 A A  8 ? ? 1.591 1.485 0.106 0.017 N 
15 1 P A G  9 ? ? OP2 A G  9 ? ? 1.598 1.485 0.113 0.017 N 
16 1 P B DT 2 ? ? OP1 B DT 2 ? ? 1.604 1.485 0.119 0.017 N 
17 1 P B DT 2 ? ? OP2 B DT 2 ? ? 1.614 1.485 0.129 0.017 N 
18 1 P B DC 3 ? ? OP1 B DC 3 ? ? 1.599 1.485 0.114 0.017 N 
19 1 P B DC 3 ? ? OP2 B DC 3 ? ? 1.609 1.485 0.124 0.017 N 
20 1 P B DT 4 ? ? OP1 B DT 4 ? ? 1.598 1.485 0.113 0.017 N 
21 1 P B DT 4 ? ? OP2 B DT 4 ? ? 1.605 1.485 0.120 0.017 N 
22 1 P B DT 5 ? ? OP1 B DT 5 ? ? 1.591 1.485 0.106 0.017 N 
23 1 P B DT 5 ? ? OP2 B DT 5 ? ? 1.596 1.485 0.111 0.017 N 
24 1 P B DC 6 ? ? OP1 B DC 6 ? ? 1.590 1.485 0.105 0.017 N 
25 1 P B DC 6 ? ? OP2 B DC 6 ? ? 1.600 1.485 0.115 0.017 N 
26 1 P B DT 7 ? ? OP1 B DT 7 ? ? 1.588 1.485 0.103 0.017 N 
27 1 P B DT 7 ? ? OP2 B DT 7 ? ? 1.597 1.485 0.112 0.017 N 
28 1 P B DT 8 ? ? OP2 B DT 8 ? ? 1.604 1.485 0.119 0.017 N 
# 
_pdbx_validate_rmsd_angle.id                         1 
_pdbx_validate_rmsd_angle.PDB_model_num              1 
_pdbx_validate_rmsd_angle.auth_atom_id_1             "O5'" 
_pdbx_validate_rmsd_angle.auth_asym_id_1             A 
_pdbx_validate_rmsd_angle.auth_comp_id_1             A 
_pdbx_validate_rmsd_angle.auth_seq_id_1              5 
_pdbx_validate_rmsd_angle.PDB_ins_code_1             ? 
_pdbx_validate_rmsd_angle.label_alt_id_1             ? 
_pdbx_validate_rmsd_angle.auth_atom_id_2             P 
_pdbx_validate_rmsd_angle.auth_asym_id_2             A 
_pdbx_validate_rmsd_angle.auth_comp_id_2             A 
_pdbx_validate_rmsd_angle.auth_seq_id_2              5 
_pdbx_validate_rmsd_angle.PDB_ins_code_2             ? 
_pdbx_validate_rmsd_angle.label_alt_id_2             ? 
_pdbx_validate_rmsd_angle.auth_atom_id_3             OP2 
_pdbx_validate_rmsd_angle.auth_asym_id_3             A 
_pdbx_validate_rmsd_angle.auth_comp_id_3             A 
_pdbx_validate_rmsd_angle.auth_seq_id_3              5 
_pdbx_validate_rmsd_angle.PDB_ins_code_3             ? 
_pdbx_validate_rmsd_angle.label_alt_id_3             ? 
_pdbx_validate_rmsd_angle.angle_value                99.79 
_pdbx_validate_rmsd_angle.angle_target_value         105.70 
_pdbx_validate_rmsd_angle.angle_deviation            -5.91 
_pdbx_validate_rmsd_angle.angle_standard_deviation   0.90 
_pdbx_validate_rmsd_angle.linker_flag                N 
# 
loop_
_pdbx_distant_solvent_atoms.id 
_pdbx_distant_solvent_atoms.PDB_model_num 
_pdbx_distant_solvent_atoms.auth_atom_id 
_pdbx_distant_solvent_atoms.label_alt_id 
_pdbx_distant_solvent_atoms.auth_asym_id 
_pdbx_distant_solvent_atoms.auth_comp_id 
_pdbx_distant_solvent_atoms.auth_seq_id 
_pdbx_distant_solvent_atoms.PDB_ins_code 
_pdbx_distant_solvent_atoms.neighbor_macromolecule_distance 
_pdbx_distant_solvent_atoms.neighbor_ligand_distance 
1  1 O ? A HOH 141 ? 9.47  . 
2  1 O ? A HOH 145 ? 11.29 . 
3  1 O ? B HOH 141 ? 6.35  . 
4  1 O ? B HOH 142 ? 7.68  . 
5  1 O ? B HOH 143 ? 7.28  . 
6  1 O ? B HOH 144 ? 5.96  . 
7  1 O ? B HOH 145 ? 11.17 . 
8  1 O ? B HOH 146 ? 7.57  . 
9  1 O ? B HOH 147 ? 6.19  . 
10 1 O ? B HOH 148 ? 6.58  . 
11 1 O ? B HOH 151 ? 6.29  . 
12 1 O ? B HOH 152 ? 6.71  . 
# 
loop_
_chem_comp_atom.comp_id 
_chem_comp_atom.atom_id 
_chem_comp_atom.type_symbol 
_chem_comp_atom.pdbx_aromatic_flag 
_chem_comp_atom.pdbx_stereo_config 
_chem_comp_atom.pdbx_ordinal 
5CM N1     N N N 1   
5CM C2     C N N 2   
5CM N3     N N N 3   
5CM C4     C N N 4   
5CM C5     C N N 5   
5CM C5A    C N N 6   
5CM C6     C N N 7   
5CM O2     O N N 8   
5CM N4     N N N 9   
5CM "C1'"  C N R 10  
5CM "C2'"  C N N 11  
5CM "C3'"  C N S 12  
5CM "C4'"  C N R 13  
5CM "O4'"  O N N 14  
5CM "O3'"  O N N 15  
5CM "C5'"  C N N 16  
5CM "O5'"  O N N 17  
5CM P      P N N 18  
5CM OP1    O N N 19  
5CM OP2    O N N 20  
5CM OP3    O N N 21  
5CM H5A1   H N N 22  
5CM H5A2   H N N 23  
5CM H5A3   H N N 24  
5CM H6     H N N 25  
5CM HN41   H N N 26  
5CM HN42   H N N 27  
5CM "H1'"  H N N 28  
5CM "H2'"  H N N 29  
5CM "H2''" H N N 30  
5CM "H3'"  H N N 31  
5CM "H4'"  H N N 32  
5CM "HO3'" H N N 33  
5CM "H5'"  H N N 34  
5CM "H5''" H N N 35  
5CM HOP2   H N N 36  
5CM HOP3   H N N 37  
A   OP3    O N N 38  
A   P      P N N 39  
A   OP1    O N N 40  
A   OP2    O N N 41  
A   "O5'"  O N N 42  
A   "C5'"  C N N 43  
A   "C4'"  C N R 44  
A   "O4'"  O N N 45  
A   "C3'"  C N S 46  
A   "O3'"  O N N 47  
A   "C2'"  C N R 48  
A   "O2'"  O N N 49  
A   "C1'"  C N R 50  
A   N9     N Y N 51  
A   C8     C Y N 52  
A   N7     N Y N 53  
A   C5     C Y N 54  
A   C6     C Y N 55  
A   N6     N N N 56  
A   N1     N Y N 57  
A   C2     C Y N 58  
A   N3     N Y N 59  
A   C4     C Y N 60  
A   HOP3   H N N 61  
A   HOP2   H N N 62  
A   "H5'"  H N N 63  
A   "H5''" H N N 64  
A   "H4'"  H N N 65  
A   "H3'"  H N N 66  
A   "HO3'" H N N 67  
A   "H2'"  H N N 68  
A   "HO2'" H N N 69  
A   "H1'"  H N N 70  
A   H8     H N N 71  
A   H61    H N N 72  
A   H62    H N N 73  
A   H2     H N N 74  
DC  OP3    O N N 75  
DC  P      P N N 76  
DC  OP1    O N N 77  
DC  OP2    O N N 78  
DC  "O5'"  O N N 79  
DC  "C5'"  C N N 80  
DC  "C4'"  C N R 81  
DC  "O4'"  O N N 82  
DC  "C3'"  C N S 83  
DC  "O3'"  O N N 84  
DC  "C2'"  C N N 85  
DC  "C1'"  C N R 86  
DC  N1     N N N 87  
DC  C2     C N N 88  
DC  O2     O N N 89  
DC  N3     N N N 90  
DC  C4     C N N 91  
DC  N4     N N N 92  
DC  C5     C N N 93  
DC  C6     C N N 94  
DC  HOP3   H N N 95  
DC  HOP2   H N N 96  
DC  "H5'"  H N N 97  
DC  "H5''" H N N 98  
DC  "H4'"  H N N 99  
DC  "H3'"  H N N 100 
DC  "HO3'" H N N 101 
DC  "H2'"  H N N 102 
DC  "H2''" H N N 103 
DC  "H1'"  H N N 104 
DC  H41    H N N 105 
DC  H42    H N N 106 
DC  H5     H N N 107 
DC  H6     H N N 108 
DT  OP3    O N N 109 
DT  P      P N N 110 
DT  OP1    O N N 111 
DT  OP2    O N N 112 
DT  "O5'"  O N N 113 
DT  "C5'"  C N N 114 
DT  "C4'"  C N R 115 
DT  "O4'"  O N N 116 
DT  "C3'"  C N S 117 
DT  "O3'"  O N N 118 
DT  "C2'"  C N N 119 
DT  "C1'"  C N R 120 
DT  N1     N N N 121 
DT  C2     C N N 122 
DT  O2     O N N 123 
DT  N3     N N N 124 
DT  C4     C N N 125 
DT  O4     O N N 126 
DT  C5     C N N 127 
DT  C7     C N N 128 
DT  C6     C N N 129 
DT  HOP3   H N N 130 
DT  HOP2   H N N 131 
DT  "H5'"  H N N 132 
DT  "H5''" H N N 133 
DT  "H4'"  H N N 134 
DT  "H3'"  H N N 135 
DT  "HO3'" H N N 136 
DT  "H2'"  H N N 137 
DT  "H2''" H N N 138 
DT  "H1'"  H N N 139 
DT  H3     H N N 140 
DT  H71    H N N 141 
DT  H72    H N N 142 
DT  H73    H N N 143 
DT  H6     H N N 144 
G   OP3    O N N 145 
G   P      P N N 146 
G   OP1    O N N 147 
G   OP2    O N N 148 
G   "O5'"  O N N 149 
G   "C5'"  C N N 150 
G   "C4'"  C N R 151 
G   "O4'"  O N N 152 
G   "C3'"  C N S 153 
G   "O3'"  O N N 154 
G   "C2'"  C N R 155 
G   "O2'"  O N N 156 
G   "C1'"  C N R 157 
G   N9     N Y N 158 
G   C8     C Y N 159 
G   N7     N Y N 160 
G   C5     C Y N 161 
G   C6     C N N 162 
G   O6     O N N 163 
G   N1     N N N 164 
G   C2     C N N 165 
G   N2     N N N 166 
G   N3     N N N 167 
G   C4     C Y N 168 
G   HOP3   H N N 169 
G   HOP2   H N N 170 
G   "H5'"  H N N 171 
G   "H5''" H N N 172 
G   "H4'"  H N N 173 
G   "H3'"  H N N 174 
G   "HO3'" H N N 175 
G   "H2'"  H N N 176 
G   "HO2'" H N N 177 
G   "H1'"  H N N 178 
G   H8     H N N 179 
G   H1     H N N 180 
G   H21    H N N 181 
G   H22    H N N 182 
HOH O      O N N 183 
HOH H1     H N N 184 
HOH H2     H N N 185 
# 
loop_
_chem_comp_bond.comp_id 
_chem_comp_bond.atom_id_1 
_chem_comp_bond.atom_id_2 
_chem_comp_bond.value_order 
_chem_comp_bond.pdbx_aromatic_flag 
_chem_comp_bond.pdbx_stereo_config 
_chem_comp_bond.pdbx_ordinal 
5CM N1    C2     sing N N 1   
5CM N1    C6     sing N N 2   
5CM N1    "C1'"  sing N N 3   
5CM C2    N3     sing N N 4   
5CM C2    O2     doub N N 5   
5CM N3    C4     doub N N 6   
5CM C4    C5     sing N N 7   
5CM C4    N4     sing N N 8   
5CM C5    C5A    sing N N 9   
5CM C5    C6     doub N N 10  
5CM C5A   H5A1   sing N N 11  
5CM C5A   H5A2   sing N N 12  
5CM C5A   H5A3   sing N N 13  
5CM C6    H6     sing N N 14  
5CM N4    HN41   sing N N 15  
5CM N4    HN42   sing N N 16  
5CM "C1'" "C2'"  sing N N 17  
5CM "C1'" "O4'"  sing N N 18  
5CM "C1'" "H1'"  sing N N 19  
5CM "C2'" "C3'"  sing N N 20  
5CM "C2'" "H2'"  sing N N 21  
5CM "C2'" "H2''" sing N N 22  
5CM "C3'" "C4'"  sing N N 23  
5CM "C3'" "O3'"  sing N N 24  
5CM "C3'" "H3'"  sing N N 25  
5CM "C4'" "O4'"  sing N N 26  
5CM "C4'" "C5'"  sing N N 27  
5CM "C4'" "H4'"  sing N N 28  
5CM "O3'" "HO3'" sing N N 29  
5CM "C5'" "O5'"  sing N N 30  
5CM "C5'" "H5'"  sing N N 31  
5CM "C5'" "H5''" sing N N 32  
5CM "O5'" P      sing N N 33  
5CM P     OP1    doub N N 34  
5CM P     OP2    sing N N 35  
5CM P     OP3    sing N N 36  
5CM OP2   HOP2   sing N N 37  
5CM OP3   HOP3   sing N N 38  
A   OP3   P      sing N N 39  
A   OP3   HOP3   sing N N 40  
A   P     OP1    doub N N 41  
A   P     OP2    sing N N 42  
A   P     "O5'"  sing N N 43  
A   OP2   HOP2   sing N N 44  
A   "O5'" "C5'"  sing N N 45  
A   "C5'" "C4'"  sing N N 46  
A   "C5'" "H5'"  sing N N 47  
A   "C5'" "H5''" sing N N 48  
A   "C4'" "O4'"  sing N N 49  
A   "C4'" "C3'"  sing N N 50  
A   "C4'" "H4'"  sing N N 51  
A   "O4'" "C1'"  sing N N 52  
A   "C3'" "O3'"  sing N N 53  
A   "C3'" "C2'"  sing N N 54  
A   "C3'" "H3'"  sing N N 55  
A   "O3'" "HO3'" sing N N 56  
A   "C2'" "O2'"  sing N N 57  
A   "C2'" "C1'"  sing N N 58  
A   "C2'" "H2'"  sing N N 59  
A   "O2'" "HO2'" sing N N 60  
A   "C1'" N9     sing N N 61  
A   "C1'" "H1'"  sing N N 62  
A   N9    C8     sing Y N 63  
A   N9    C4     sing Y N 64  
A   C8    N7     doub Y N 65  
A   C8    H8     sing N N 66  
A   N7    C5     sing Y N 67  
A   C5    C6     sing Y N 68  
A   C5    C4     doub Y N 69  
A   C6    N6     sing N N 70  
A   C6    N1     doub Y N 71  
A   N6    H61    sing N N 72  
A   N6    H62    sing N N 73  
A   N1    C2     sing Y N 74  
A   C2    N3     doub Y N 75  
A   C2    H2     sing N N 76  
A   N3    C4     sing Y N 77  
DC  OP3   P      sing N N 78  
DC  OP3   HOP3   sing N N 79  
DC  P     OP1    doub N N 80  
DC  P     OP2    sing N N 81  
DC  P     "O5'"  sing N N 82  
DC  OP2   HOP2   sing N N 83  
DC  "O5'" "C5'"  sing N N 84  
DC  "C5'" "C4'"  sing N N 85  
DC  "C5'" "H5'"  sing N N 86  
DC  "C5'" "H5''" sing N N 87  
DC  "C4'" "O4'"  sing N N 88  
DC  "C4'" "C3'"  sing N N 89  
DC  "C4'" "H4'"  sing N N 90  
DC  "O4'" "C1'"  sing N N 91  
DC  "C3'" "O3'"  sing N N 92  
DC  "C3'" "C2'"  sing N N 93  
DC  "C3'" "H3'"  sing N N 94  
DC  "O3'" "HO3'" sing N N 95  
DC  "C2'" "C1'"  sing N N 96  
DC  "C2'" "H2'"  sing N N 97  
DC  "C2'" "H2''" sing N N 98  
DC  "C1'" N1     sing N N 99  
DC  "C1'" "H1'"  sing N N 100 
DC  N1    C2     sing N N 101 
DC  N1    C6     sing N N 102 
DC  C2    O2     doub N N 103 
DC  C2    N3     sing N N 104 
DC  N3    C4     doub N N 105 
DC  C4    N4     sing N N 106 
DC  C4    C5     sing N N 107 
DC  N4    H41    sing N N 108 
DC  N4    H42    sing N N 109 
DC  C5    C6     doub N N 110 
DC  C5    H5     sing N N 111 
DC  C6    H6     sing N N 112 
DT  OP3   P      sing N N 113 
DT  OP3   HOP3   sing N N 114 
DT  P     OP1    doub N N 115 
DT  P     OP2    sing N N 116 
DT  P     "O5'"  sing N N 117 
DT  OP2   HOP2   sing N N 118 
DT  "O5'" "C5'"  sing N N 119 
DT  "C5'" "C4'"  sing N N 120 
DT  "C5'" "H5'"  sing N N 121 
DT  "C5'" "H5''" sing N N 122 
DT  "C4'" "O4'"  sing N N 123 
DT  "C4'" "C3'"  sing N N 124 
DT  "C4'" "H4'"  sing N N 125 
DT  "O4'" "C1'"  sing N N 126 
DT  "C3'" "O3'"  sing N N 127 
DT  "C3'" "C2'"  sing N N 128 
DT  "C3'" "H3'"  sing N N 129 
DT  "O3'" "HO3'" sing N N 130 
DT  "C2'" "C1'"  sing N N 131 
DT  "C2'" "H2'"  sing N N 132 
DT  "C2'" "H2''" sing N N 133 
DT  "C1'" N1     sing N N 134 
DT  "C1'" "H1'"  sing N N 135 
DT  N1    C2     sing N N 136 
DT  N1    C6     sing N N 137 
DT  C2    O2     doub N N 138 
DT  C2    N3     sing N N 139 
DT  N3    C4     sing N N 140 
DT  N3    H3     sing N N 141 
DT  C4    O4     doub N N 142 
DT  C4    C5     sing N N 143 
DT  C5    C7     sing N N 144 
DT  C5    C6     doub N N 145 
DT  C7    H71    sing N N 146 
DT  C7    H72    sing N N 147 
DT  C7    H73    sing N N 148 
DT  C6    H6     sing N N 149 
G   OP3   P      sing N N 150 
G   OP3   HOP3   sing N N 151 
G   P     OP1    doub N N 152 
G   P     OP2    sing N N 153 
G   P     "O5'"  sing N N 154 
G   OP2   HOP2   sing N N 155 
G   "O5'" "C5'"  sing N N 156 
G   "C5'" "C4'"  sing N N 157 
G   "C5'" "H5'"  sing N N 158 
G   "C5'" "H5''" sing N N 159 
G   "C4'" "O4'"  sing N N 160 
G   "C4'" "C3'"  sing N N 161 
G   "C4'" "H4'"  sing N N 162 
G   "O4'" "C1'"  sing N N 163 
G   "C3'" "O3'"  sing N N 164 
G   "C3'" "C2'"  sing N N 165 
G   "C3'" "H3'"  sing N N 166 
G   "O3'" "HO3'" sing N N 167 
G   "C2'" "O2'"  sing N N 168 
G   "C2'" "C1'"  sing N N 169 
G   "C2'" "H2'"  sing N N 170 
G   "O2'" "HO2'" sing N N 171 
G   "C1'" N9     sing N N 172 
G   "C1'" "H1'"  sing N N 173 
G   N9    C8     sing Y N 174 
G   N9    C4     sing Y N 175 
G   C8    N7     doub Y N 176 
G   C8    H8     sing N N 177 
G   N7    C5     sing Y N 178 
G   C5    C6     sing N N 179 
G   C5    C4     doub Y N 180 
G   C6    O6     doub N N 181 
G   C6    N1     sing N N 182 
G   N1    C2     sing N N 183 
G   N1    H1     sing N N 184 
G   C2    N2     sing N N 185 
G   C2    N3     doub N N 186 
G   N2    H21    sing N N 187 
G   N2    H22    sing N N 188 
G   N3    C4     sing N N 189 
HOH O     H1     sing N N 190 
HOH O     H2     sing N N 191 
# 
_ndb_struct_conf_na.entry_id   4U6M 
_ndb_struct_conf_na.feature    'a-form double helix' 
# 
loop_
_ndb_struct_na_base_pair.model_number 
_ndb_struct_na_base_pair.i_label_asym_id 
_ndb_struct_na_base_pair.i_label_comp_id 
_ndb_struct_na_base_pair.i_label_seq_id 
_ndb_struct_na_base_pair.i_symmetry 
_ndb_struct_na_base_pair.j_label_asym_id 
_ndb_struct_na_base_pair.j_label_comp_id 
_ndb_struct_na_base_pair.j_label_seq_id 
_ndb_struct_na_base_pair.j_symmetry 
_ndb_struct_na_base_pair.shear 
_ndb_struct_na_base_pair.stretch 
_ndb_struct_na_base_pair.stagger 
_ndb_struct_na_base_pair.buckle 
_ndb_struct_na_base_pair.propeller 
_ndb_struct_na_base_pair.opening 
_ndb_struct_na_base_pair.pair_number 
_ndb_struct_na_base_pair.pair_name 
_ndb_struct_na_base_pair.i_auth_asym_id 
_ndb_struct_na_base_pair.i_auth_seq_id 
_ndb_struct_na_base_pair.i_PDB_ins_code 
_ndb_struct_na_base_pair.j_auth_asym_id 
_ndb_struct_na_base_pair.j_auth_seq_id 
_ndb_struct_na_base_pair.j_PDB_ins_code 
_ndb_struct_na_base_pair.hbond_type_28 
_ndb_struct_na_base_pair.hbond_type_12 
1 A G 1 1_555 B 5CM 9 1_555 -0.315 -0.211 -0.149 -5.843  -14.803 0.847  1 A_G1:5CM9_B A 1 ? B 9 ? 19 1 
1 A A 2 1_555 B DT  8 1_555 0.068  -0.135 -0.043 -5.349  -17.680 3.111  2 A_A2:DT8_B  A 2 ? B 8 ? 20 1 
1 A A 3 1_555 B DT  7 1_555 -0.041 -0.077 0.066  -4.968  -19.132 7.709  3 A_A3:DT7_B  A 3 ? B 7 ? 20 1 
1 A G 4 1_555 B DC  6 1_555 -0.238 -0.191 -0.157 -10.831 -8.549  -2.932 4 A_G4:DC6_B  A 4 ? B 6 ? 19 1 
1 A A 5 1_555 B DT  5 1_555 0.062  0.018  -0.400 -15.091 -9.595  -3.991 5 A_A5:DT5_B  A 5 ? B 5 ? 20 1 
1 A A 6 1_555 B DT  4 1_555 0.085  -0.223 0.206  0.180   -6.181  3.525  6 A_A6:DT4_B  A 6 ? B 4 ? 20 1 
1 A G 7 1_555 B DC  3 1_555 -0.065 -0.086 -0.209 -5.234  -10.724 2.965  7 A_G7:DC3_B  A 7 ? B 3 ? 19 1 
1 A A 8 1_555 B DT  2 1_555 -0.093 -0.121 -0.125 -1.241  -4.207  0.595  8 A_A8:DT2_B  A 8 ? B 2 ? 20 1 
1 A G 9 1_555 B 5CM 1 1_555 -0.071 -0.100 -0.050 6.846   -2.147  2.084  9 A_G9:5CM1_B A 9 ? B 1 ? 19 1 
# 
loop_
_ndb_struct_na_base_pair_step.model_number 
_ndb_struct_na_base_pair_step.i_label_asym_id_1 
_ndb_struct_na_base_pair_step.i_label_comp_id_1 
_ndb_struct_na_base_pair_step.i_label_seq_id_1 
_ndb_struct_na_base_pair_step.i_symmetry_1 
_ndb_struct_na_base_pair_step.j_label_asym_id_1 
_ndb_struct_na_base_pair_step.j_label_comp_id_1 
_ndb_struct_na_base_pair_step.j_label_seq_id_1 
_ndb_struct_na_base_pair_step.j_symmetry_1 
_ndb_struct_na_base_pair_step.i_label_asym_id_2 
_ndb_struct_na_base_pair_step.i_label_comp_id_2 
_ndb_struct_na_base_pair_step.i_label_seq_id_2 
_ndb_struct_na_base_pair_step.i_symmetry_2 
_ndb_struct_na_base_pair_step.j_label_asym_id_2 
_ndb_struct_na_base_pair_step.j_label_comp_id_2 
_ndb_struct_na_base_pair_step.j_label_seq_id_2 
_ndb_struct_na_base_pair_step.j_symmetry_2 
_ndb_struct_na_base_pair_step.shift 
_ndb_struct_na_base_pair_step.slide 
_ndb_struct_na_base_pair_step.rise 
_ndb_struct_na_base_pair_step.tilt 
_ndb_struct_na_base_pair_step.roll 
_ndb_struct_na_base_pair_step.twist 
_ndb_struct_na_base_pair_step.x_displacement 
_ndb_struct_na_base_pair_step.y_displacement 
_ndb_struct_na_base_pair_step.helical_rise 
_ndb_struct_na_base_pair_step.inclination 
_ndb_struct_na_base_pair_step.tip 
_ndb_struct_na_base_pair_step.helical_twist 
_ndb_struct_na_base_pair_step.step_number 
_ndb_struct_na_base_pair_step.step_name 
_ndb_struct_na_base_pair_step.i_auth_asym_id_1 
_ndb_struct_na_base_pair_step.i_auth_seq_id_1 
_ndb_struct_na_base_pair_step.i_PDB_ins_code_1 
_ndb_struct_na_base_pair_step.j_auth_asym_id_1 
_ndb_struct_na_base_pair_step.j_auth_seq_id_1 
_ndb_struct_na_base_pair_step.j_PDB_ins_code_1 
_ndb_struct_na_base_pair_step.i_auth_asym_id_2 
_ndb_struct_na_base_pair_step.i_auth_seq_id_2 
_ndb_struct_na_base_pair_step.i_PDB_ins_code_2 
_ndb_struct_na_base_pair_step.j_auth_asym_id_2 
_ndb_struct_na_base_pair_step.j_auth_seq_id_2 
_ndb_struct_na_base_pair_step.j_PDB_ins_code_2 
1 A G 1 1_555 B 5CM 9 1_555 A A 2 1_555 B DT  8 1_555 0.493  -1.180 3.299 1.401  2.064  35.780 -2.213 -0.600 3.245 3.354  -2.277  
35.864 1 AA_G1A2:DT85CM9_BB A 1 ? B 9 ? A 2 ? B 8 ? 
1 A A 2 1_555 B DT  8 1_555 A A 3 1_555 B DT  7 1_555 0.457  -1.290 3.266 0.065  4.741  31.957 -3.134 -0.811 3.049 8.553  -0.116  
32.298 2 AA_A2A3:DT7DT8_BB  A 2 ? B 8 ? A 3 ? B 7 ? 
1 A A 3 1_555 B DT  7 1_555 A G 4 1_555 B DC  6 1_555 -1.338 -1.407 3.378 -3.165 9.906  35.200 -3.588 1.695  2.992 15.954 5.097   
36.658 3 AA_A3G4:DC6DT7_BB  A 3 ? B 7 ? A 4 ? B 6 ? 
1 A G 4 1_555 B DC  6 1_555 A A 5 1_555 B DT  5 1_555 0.898  -1.797 3.530 6.123  14.691 30.232 -5.375 -0.571 2.542 26.024 -10.846 
34.079 4 AA_G4A5:DT5DC6_BB  A 4 ? B 6 ? A 5 ? B 5 ? 
1 A A 5 1_555 B DT  5 1_555 A A 6 1_555 B DT  4 1_555 0.724  -1.529 2.944 -2.545 2.582  27.207 -3.775 -2.072 2.712 5.457  5.381   
27.442 5 AA_A5A6:DT4DT5_BB  A 5 ? B 5 ? A 6 ? B 4 ? 
1 A A 6 1_555 B DT  4 1_555 A G 7 1_555 B DC  3 1_555 0.100  -1.709 3.586 1.968  3.966  30.689 -4.011 0.217  3.344 7.445  -3.695  
30.999 6 AA_A6G7:DC3DT4_BB  A 6 ? B 4 ? A 7 ? B 3 ? 
1 A G 7 1_555 B DC  3 1_555 A A 8 1_555 B DT  2 1_555 -0.809 -1.407 3.171 -1.481 7.043  33.664 -3.403 1.152  2.859 11.992 2.521   
34.403 7 AA_G7A8:DT2DC3_BB  A 7 ? B 3 ? A 8 ? B 2 ? 
1 A A 8 1_555 B DT  2 1_555 A G 9 1_555 B 5CM 1 1_555 0.651  -1.888 3.126 0.740  1.845  28.148 -4.276 -1.174 3.014 3.788  -1.520  
28.217 8 AA_A8G9:5CM1DT2_BB A 8 ? B 2 ? A 9 ? B 1 ? 
# 
_pdbx_entity_nonpoly.entity_id   3 
_pdbx_entity_nonpoly.name        water 
_pdbx_entity_nonpoly.comp_id     HOH 
# 
_pdbx_initial_refinement_model.id               1 
_pdbx_initial_refinement_model.entity_id_list   ? 
_pdbx_initial_refinement_model.type             'experimental model' 
_pdbx_initial_refinement_model.source_name      PDB 
_pdbx_initial_refinement_model.accession_code   4U6L 
_pdbx_initial_refinement_model.details          ? 
# 
